data_7K5M
#
_entry.id   7K5M
#
_cell.length_a   151.580
_cell.length_b   87.960
_cell.length_c   106.710
_cell.angle_alpha   90.000
_cell.angle_beta   103.530
_cell.angle_gamma   90.000
#
_symmetry.space_group_name_H-M   'C 1 2 1'
#
loop_
_entity.id
_entity.type
_entity.pdbx_description
1 polymer 'Capsid protein'
2 non-polymer N-(3-chloro-4-fluorophenyl)-3-phenyl-2,4,6,7-tetrahydro-5H-pyrazolo[4,3-c]pyridine-5-carboxamide
3 non-polymer 'ISOPROPYL ALCOHOL'
4 water water
#
_entity_poly.entity_id   1
_entity_poly.type   'polypeptide(L)'
_entity_poly.pdbx_seq_one_letter_code
;SMDIDPYKEFGATVELLSFLPSDFFPSVRDLLDTAAALYRDALESPEHCSPHHTALRQAILCWGDLMTLATWVGTNLEDP
ASRDLVVSYVNTNVGLKFRQLLWFHISCLTFGRETVLEYLVSFGVWIRTPPAARPPNAPILSTLPETTVVKLENLYFQ
;
_entity_poly.pdbx_strand_id   A,B,C,D,E,F
#
loop_
_chem_comp.id
_chem_comp.type
_chem_comp.name
_chem_comp.formula
IPA non-polymer 'ISOPROPYL ALCOHOL' 'C3 H8 O'
VXJ non-polymer N-(3-chloro-4-fluorophenyl)-3-phenyl-2,4,6,7-tetrahydro-5H-pyrazolo[4,3-c]pyridine-5-carboxamide 'C19 H16 Cl F N4 O'
#
# COMPACT_ATOMS: atom_id res chain seq x y z
N SER A 1 -7.07 -5.42 -7.70
CA SER A 1 -6.25 -6.51 -8.24
C SER A 1 -5.46 -7.18 -7.12
N MET A 2 -4.68 -8.20 -7.46
CA MET A 2 -3.83 -8.83 -6.48
C MET A 2 -2.35 -8.49 -6.64
N ASP A 3 -1.62 -8.60 -5.53
CA ASP A 3 -0.16 -8.52 -5.56
C ASP A 3 0.38 -9.74 -4.84
N ILE A 4 0.74 -10.77 -5.60
CA ILE A 4 1.19 -12.02 -5.01
C ILE A 4 2.70 -12.12 -5.13
N ASP A 5 3.34 -12.54 -4.05
CA ASP A 5 4.79 -12.69 -4.03
C ASP A 5 5.19 -14.16 -4.02
N PRO A 6 5.80 -14.63 -5.12
CA PRO A 6 6.14 -16.04 -5.29
C PRO A 6 7.13 -16.55 -4.24
N TYR A 7 8.00 -15.67 -3.74
CA TYR A 7 9.01 -16.09 -2.76
C TYR A 7 8.53 -15.90 -1.32
N LYS A 8 7.39 -15.25 -1.14
CA LYS A 8 6.91 -14.88 0.19
C LYS A 8 6.59 -16.09 1.06
N GLU A 9 5.92 -17.08 0.49
CA GLU A 9 5.59 -18.29 1.21
C GLU A 9 6.84 -19.12 1.51
N PHE A 10 7.95 -18.77 0.85
CA PHE A 10 9.21 -19.48 1.04
C PHE A 10 10.16 -18.67 1.91
N GLY A 11 9.67 -17.56 2.47
CA GLY A 11 10.45 -16.79 3.42
C GLY A 11 11.39 -15.77 2.82
N ALA A 12 11.16 -15.42 1.55
CA ALA A 12 11.95 -14.39 0.88
C ALA A 12 11.03 -13.43 0.14
N THR A 13 11.62 -12.57 -0.68
CA THR A 13 10.85 -11.58 -1.42
C THR A 13 11.41 -11.40 -2.82
N VAL A 14 10.62 -10.80 -3.70
CA VAL A 14 11.07 -10.51 -5.06
C VAL A 14 12.28 -9.59 -5.00
N GLU A 15 12.21 -8.61 -4.11
CA GLU A 15 13.28 -7.63 -3.95
C GLU A 15 14.58 -8.29 -3.46
N LEU A 16 14.43 -9.29 -2.58
CA LEU A 16 15.58 -9.96 -2.01
C LEU A 16 16.37 -10.73 -3.06
N LEU A 17 15.68 -11.34 -4.01
CA LEU A 17 16.36 -12.06 -5.08
C LEU A 17 16.96 -11.11 -6.11
N SER A 18 16.43 -9.90 -6.17
CA SER A 18 16.94 -8.88 -7.08
C SER A 18 18.23 -8.28 -6.53
N PHE A 19 18.55 -8.64 -5.29
CA PHE A 19 19.80 -8.22 -4.64
C PHE A 19 20.99 -8.79 -5.40
N LEU A 20 20.88 -10.07 -5.80
CA LEU A 20 21.91 -10.72 -6.61
C LEU A 20 21.87 -10.20 -8.03
N PRO A 21 23.05 -9.89 -8.60
CA PRO A 21 23.14 -9.34 -9.96
C PRO A 21 22.64 -10.31 -11.03
N SER A 22 22.34 -9.78 -12.22
CA SER A 22 21.77 -10.58 -13.29
C SER A 22 22.74 -11.64 -13.83
N ASP A 23 24.03 -11.34 -13.76
CA ASP A 23 25.04 -12.26 -14.28
C ASP A 23 25.40 -13.35 -13.27
N PHE A 24 24.78 -13.29 -12.09
CA PHE A 24 25.01 -14.28 -11.05
C PHE A 24 24.37 -15.62 -11.42
N PHE A 25 23.14 -15.55 -11.92
CA PHE A 25 22.35 -16.74 -12.21
C PHE A 25 22.81 -17.45 -13.48
N PRO A 26 22.82 -18.80 -13.45
CA PRO A 26 23.10 -19.60 -14.65
C PRO A 26 22.03 -19.37 -15.72
N SER A 27 22.30 -19.79 -16.95
CA SER A 27 21.31 -19.68 -18.02
C SER A 27 20.11 -20.56 -17.72
N VAL A 28 18.96 -20.23 -18.33
CA VAL A 28 17.74 -21.02 -18.16
C VAL A 28 18.00 -22.46 -18.59
N ARG A 29 18.76 -22.62 -19.66
CA ARG A 29 19.07 -23.94 -20.19
C ARG A 29 19.83 -24.76 -19.17
N ASP A 30 20.84 -24.15 -18.54
CA ASP A 30 21.64 -24.83 -17.54
C ASP A 30 20.82 -25.14 -16.29
N LEU A 31 19.81 -24.31 -16.04
CA LEU A 31 18.95 -24.49 -14.88
C LEU A 31 17.93 -25.61 -15.08
N LEU A 32 17.33 -25.67 -16.27
CA LEU A 32 16.39 -26.74 -16.59
C LEU A 32 17.10 -28.08 -16.64
N ASP A 33 18.32 -28.10 -17.16
CA ASP A 33 19.12 -29.32 -17.25
C ASP A 33 19.52 -29.80 -15.86
N THR A 34 19.70 -28.87 -14.94
CA THR A 34 20.08 -29.20 -13.57
C THR A 34 18.88 -29.74 -12.80
N ALA A 35 17.72 -29.15 -13.06
CA ALA A 35 16.47 -29.59 -12.43
C ALA A 35 16.17 -31.06 -12.77
N ALA A 36 16.33 -31.42 -14.03
CA ALA A 36 16.11 -32.79 -14.48
C ALA A 36 17.14 -33.73 -13.86
N ALA A 37 18.41 -33.36 -13.93
CA ALA A 37 19.50 -34.21 -13.45
C ALA A 37 19.34 -34.61 -11.98
N LEU A 38 18.88 -33.69 -11.14
CA LEU A 38 18.82 -33.94 -9.71
C LEU A 38 17.44 -34.38 -9.21
N TYR A 39 16.38 -33.99 -9.91
CA TYR A 39 15.03 -34.23 -9.40
C TYR A 39 14.04 -34.71 -10.47
N ARG A 40 14.52 -35.40 -11.48
CA ARG A 40 13.65 -35.85 -12.58
C ARG A 40 12.50 -36.70 -12.07
N ASP A 41 12.82 -37.68 -11.23
CA ASP A 41 11.84 -38.60 -10.69
C ASP A 41 10.89 -37.90 -9.72
N ALA A 42 11.40 -36.92 -8.99
CA ALA A 42 10.59 -36.19 -8.01
C ALA A 42 9.66 -35.19 -8.69
N LEU A 43 10.16 -34.49 -9.70
CA LEU A 43 9.35 -33.52 -10.44
C LEU A 43 8.21 -34.18 -11.21
N GLU A 44 8.42 -35.44 -11.60
CA GLU A 44 7.40 -36.18 -12.34
C GLU A 44 6.56 -37.07 -11.43
N SER A 45 6.97 -37.13 -10.16
CA SER A 45 6.30 -37.95 -9.14
C SER A 45 4.83 -37.59 -8.90
N PRO A 46 4.02 -38.59 -8.52
CA PRO A 46 2.62 -38.34 -8.14
C PRO A 46 2.44 -37.73 -6.75
N GLU A 47 3.51 -37.71 -5.95
CA GLU A 47 3.50 -37.19 -4.58
C GLU A 47 3.90 -35.72 -4.56
N HIS A 48 3.37 -34.92 -3.63
CA HIS A 48 3.77 -33.49 -3.65
C HIS A 48 5.26 -33.32 -3.37
N CYS A 49 5.78 -34.15 -2.46
CA CYS A 49 7.17 -34.13 -2.00
C CYS A 49 7.42 -32.93 -1.08
N SER A 50 7.29 -31.72 -1.62
CA SER A 50 7.48 -30.50 -0.84
C SER A 50 6.90 -29.31 -1.58
N PRO A 51 6.61 -28.22 -0.84
CA PRO A 51 6.16 -26.99 -1.50
C PRO A 51 7.12 -26.47 -2.57
N HIS A 52 8.43 -26.66 -2.39
CA HIS A 52 9.39 -26.29 -3.44
C HIS A 52 9.18 -27.10 -4.71
N HIS A 53 8.95 -28.39 -4.55
CA HIS A 53 8.67 -29.24 -5.70
C HIS A 53 7.43 -28.76 -6.45
N THR A 54 6.38 -28.44 -5.72
CA THR A 54 5.12 -27.98 -6.35
C THR A 54 5.36 -26.70 -7.16
N ALA A 55 6.11 -25.77 -6.58
CA ALA A 55 6.38 -24.50 -7.22
C ALA A 55 7.30 -24.65 -8.43
N LEU A 56 8.34 -25.47 -8.26
CA LEU A 56 9.31 -25.72 -9.33
C LEU A 56 8.66 -26.35 -10.56
N ARG A 57 7.71 -27.26 -10.34
CA ARG A 57 6.95 -27.89 -11.43
C ARG A 57 6.25 -26.85 -12.30
N GLN A 58 5.60 -25.89 -11.65
CA GLN A 58 4.87 -24.85 -12.37
C GLN A 58 5.83 -23.92 -13.10
N ALA A 59 6.98 -23.65 -12.48
CA ALA A 59 7.98 -22.76 -13.06
C ALA A 59 8.51 -23.29 -14.38
N ILE A 60 8.94 -24.55 -14.37
CA ILE A 60 9.42 -25.22 -15.58
C ILE A 60 8.37 -25.16 -16.68
N LEU A 61 7.15 -25.54 -16.32
CA LEU A 61 6.03 -25.54 -17.27
C LEU A 61 5.69 -24.14 -17.77
N CYS A 62 5.69 -23.16 -16.87
CA CYS A 62 5.41 -21.78 -17.25
C CYS A 62 6.43 -21.27 -18.25
N TRP A 63 7.70 -21.54 -17.98
CA TRP A 63 8.76 -21.17 -18.91
C TRP A 63 8.55 -21.87 -20.26
N GLY A 64 8.08 -23.12 -20.19
CA GLY A 64 7.72 -23.87 -21.37
C GLY A 64 6.69 -23.19 -22.24
N ASP A 65 5.63 -22.70 -21.61
CA ASP A 65 4.56 -22.01 -22.34
C ASP A 65 5.08 -20.74 -23.00
N LEU A 66 5.95 -20.02 -22.29
CA LEU A 66 6.56 -18.81 -22.83
C LEU A 66 7.43 -19.12 -24.05
N MET A 67 8.16 -20.23 -23.97
CA MET A 67 9.02 -20.65 -25.08
C MET A 67 8.18 -21.13 -26.26
N THR A 68 7.13 -21.90 -25.97
CA THR A 68 6.22 -22.38 -27.01
C THR A 68 5.60 -21.20 -27.75
N LEU A 69 5.34 -20.13 -27.00
CA LEU A 69 4.76 -18.91 -27.55
C LEU A 69 5.77 -18.18 -28.40
N ALA A 70 6.97 -17.99 -27.85
CA ALA A 70 8.03 -17.28 -28.56
C ALA A 70 8.49 -18.05 -29.79
N THR A 71 8.41 -19.38 -29.73
CA THR A 71 8.81 -20.21 -30.86
C THR A 71 7.82 -20.01 -32.00
N TRP A 72 6.54 -19.83 -31.66
CA TRP A 72 5.51 -19.65 -32.66
C TRP A 72 5.49 -18.23 -33.20
N VAL A 73 5.80 -17.27 -32.32
CA VAL A 73 5.86 -15.86 -32.69
C VAL A 73 6.96 -15.64 -33.72
N GLY A 74 8.11 -16.25 -33.46
CA GLY A 74 9.26 -16.19 -34.36
C GLY A 74 8.99 -16.72 -35.75
N THR A 75 8.24 -17.82 -35.82
CA THR A 75 7.91 -18.43 -37.10
C THR A 75 6.97 -17.54 -37.90
N ASN A 76 6.20 -16.70 -37.22
CA ASN A 76 5.34 -15.73 -37.90
C ASN A 76 5.98 -14.36 -37.90
N ARG A 83 11.92 -9.11 -36.18
CA ARG A 83 11.58 -10.35 -35.50
C ARG A 83 12.63 -10.72 -34.46
N ASP A 84 13.89 -10.50 -34.80
CA ASP A 84 15.00 -10.81 -33.90
C ASP A 84 14.99 -9.94 -32.66
N LEU A 85 14.40 -8.75 -32.78
CA LEU A 85 14.31 -7.81 -31.67
C LEU A 85 13.37 -8.36 -30.60
N VAL A 86 12.33 -9.04 -31.06
CA VAL A 86 11.34 -9.67 -30.19
C VAL A 86 11.95 -10.81 -29.41
N VAL A 87 12.83 -11.57 -30.06
CA VAL A 87 13.51 -12.69 -29.43
C VAL A 87 14.37 -12.22 -28.26
N SER A 88 14.98 -11.05 -28.39
CA SER A 88 15.80 -10.51 -27.31
C SER A 88 14.96 -10.18 -26.09
N TYR A 89 13.68 -9.89 -26.29
CA TYR A 89 12.79 -9.53 -25.19
C TYR A 89 12.51 -10.67 -24.24
N VAL A 90 12.24 -11.86 -24.78
CA VAL A 90 11.93 -13.01 -23.94
C VAL A 90 13.15 -13.37 -23.10
N ASN A 91 14.31 -13.42 -23.74
CA ASN A 91 15.54 -13.81 -23.05
C ASN A 91 16.13 -12.72 -22.14
N THR A 92 15.86 -11.45 -22.45
CA THR A 92 16.39 -10.35 -21.64
C THR A 92 15.55 -10.00 -20.41
N ASN A 93 14.25 -9.82 -20.63
CA ASN A 93 13.37 -9.32 -19.58
C ASN A 93 12.68 -10.40 -18.78
N VAL A 94 12.00 -11.31 -19.46
CA VAL A 94 11.26 -12.36 -18.78
C VAL A 94 12.24 -13.44 -18.34
N GLY A 95 13.28 -13.63 -19.14
CA GLY A 95 14.33 -14.60 -18.86
C GLY A 95 14.96 -14.46 -17.48
N LEU A 96 15.32 -13.23 -17.13
CA LEU A 96 15.93 -12.96 -15.83
C LEU A 96 15.02 -13.37 -14.68
N LYS A 97 13.72 -13.14 -14.85
CA LYS A 97 12.74 -13.44 -13.80
C LYS A 97 12.70 -14.92 -13.45
N PHE A 98 12.75 -15.77 -14.47
CA PHE A 98 12.70 -17.21 -14.26
C PHE A 98 14.06 -17.80 -13.88
N ARG A 99 15.14 -17.14 -14.29
CA ARG A 99 16.47 -17.55 -13.89
C ARG A 99 16.64 -17.43 -12.39
N GLN A 100 15.97 -16.44 -11.81
CA GLN A 100 15.97 -16.25 -10.37
C GLN A 100 15.10 -17.29 -9.70
N LEU A 101 13.89 -17.45 -10.23
CA LEU A 101 12.91 -18.37 -9.68
C LEU A 101 13.38 -19.82 -9.73
N LEU A 102 13.89 -20.23 -10.89
CA LEU A 102 14.39 -21.59 -11.05
C LEU A 102 15.59 -21.84 -10.13
N TRP A 103 16.51 -20.88 -10.07
CA TRP A 103 17.69 -21.01 -9.22
C TRP A 103 17.29 -21.10 -7.75
N PHE A 104 16.31 -20.29 -7.36
CA PHE A 104 15.89 -20.23 -5.97
C PHE A 104 15.41 -21.58 -5.46
N HIS A 105 14.53 -22.21 -6.23
CA HIS A 105 13.93 -23.47 -5.81
C HIS A 105 14.91 -24.64 -5.91
N ILE A 106 15.70 -24.67 -6.98
CA ILE A 106 16.70 -25.71 -7.17
C ILE A 106 17.74 -25.67 -6.04
N SER A 107 18.19 -24.47 -5.69
CA SER A 107 19.20 -24.30 -4.65
C SER A 107 18.65 -24.63 -3.26
N CYS A 108 17.37 -24.31 -3.03
CA CYS A 108 16.76 -24.58 -1.73
C CYS A 108 16.59 -26.07 -1.49
N LEU A 109 16.26 -26.81 -2.54
CA LEU A 109 16.12 -28.25 -2.44
C LEU A 109 17.48 -28.93 -2.23
N THR A 110 18.51 -28.35 -2.83
CA THR A 110 19.84 -28.96 -2.82
C THR A 110 20.63 -28.66 -1.56
N PHE A 111 20.57 -27.42 -1.10
CA PHE A 111 21.42 -26.96 0.00
C PHE A 111 20.63 -26.65 1.27
N GLY A 112 19.33 -26.44 1.12
CA GLY A 112 18.47 -26.12 2.24
C GLY A 112 18.08 -24.66 2.21
N ARG A 113 16.80 -24.37 2.49
CA ARG A 113 16.25 -23.00 2.43
C ARG A 113 17.06 -21.99 3.22
N GLU A 114 17.24 -22.23 4.52
CA GLU A 114 17.95 -21.30 5.40
C GLU A 114 19.35 -20.95 4.90
N THR A 115 20.05 -21.95 4.38
CA THR A 115 21.39 -21.77 3.85
C THR A 115 21.39 -20.84 2.62
N VAL A 116 20.40 -21.03 1.76
CA VAL A 116 20.29 -20.25 0.53
C VAL A 116 20.15 -18.77 0.85
N LEU A 117 19.35 -18.47 1.87
CA LEU A 117 19.05 -17.08 2.22
C LEU A 117 20.27 -16.37 2.79
N GLU A 118 20.98 -17.04 3.69
CA GLU A 118 22.22 -16.49 4.24
C GLU A 118 23.22 -16.23 3.12
N TYR A 119 23.37 -17.21 2.24
CA TYR A 119 24.27 -17.08 1.10
C TYR A 119 23.83 -15.94 0.18
N LEU A 120 22.52 -15.78 0.04
CA LEU A 120 21.95 -14.78 -0.84
C LEU A 120 22.38 -13.38 -0.42
N VAL A 121 22.30 -13.12 0.88
CA VAL A 121 22.67 -11.81 1.42
C VAL A 121 24.20 -11.65 1.45
N SER A 122 24.90 -12.74 1.73
CA SER A 122 26.35 -12.72 1.81
C SER A 122 27.02 -12.39 0.48
N PHE A 123 26.48 -12.94 -0.60
CA PHE A 123 27.08 -12.70 -1.92
C PHE A 123 26.74 -11.31 -2.41
N GLY A 124 25.55 -10.83 -2.04
CA GLY A 124 25.13 -9.49 -2.40
C GLY A 124 26.05 -8.43 -1.82
N VAL A 125 26.45 -8.62 -0.57
CA VAL A 125 27.39 -7.73 0.08
C VAL A 125 28.78 -7.88 -0.51
N TRP A 126 29.14 -9.12 -0.86
CA TRP A 126 30.49 -9.42 -1.33
C TRP A 126 30.76 -8.86 -2.73
N ILE A 127 29.81 -9.06 -3.64
CA ILE A 127 30.00 -8.62 -5.03
C ILE A 127 29.96 -7.10 -5.11
N ARG A 128 29.34 -6.47 -4.12
CA ARG A 128 29.18 -5.01 -4.12
C ARG A 128 30.41 -4.30 -3.57
N THR A 129 31.25 -5.04 -2.84
CA THR A 129 32.52 -4.51 -2.39
C THR A 129 33.47 -4.40 -3.57
N PRO A 130 34.05 -3.21 -3.78
CA PRO A 130 35.05 -2.99 -4.83
C PRO A 130 36.16 -4.03 -4.77
N PRO A 131 36.72 -4.41 -5.94
CA PRO A 131 37.65 -5.54 -6.07
C PRO A 131 38.86 -5.45 -5.13
N ALA A 132 39.36 -4.25 -4.90
CA ALA A 132 40.57 -4.05 -4.10
C ALA A 132 40.36 -4.42 -2.63
N ALA A 133 39.12 -4.32 -2.16
CA ALA A 133 38.84 -4.47 -0.74
C ALA A 133 38.17 -5.79 -0.38
N ARG A 134 37.46 -6.40 -1.32
CA ARG A 134 36.66 -7.58 -1.01
C ARG A 134 37.53 -8.81 -0.91
N PRO A 135 37.20 -9.72 0.03
CA PRO A 135 37.96 -10.96 0.22
C PRO A 135 38.05 -11.76 -1.07
N PRO A 136 39.13 -12.53 -1.25
CA PRO A 136 39.29 -13.29 -2.49
C PRO A 136 38.26 -14.41 -2.63
N ASN A 137 37.93 -15.04 -1.51
CA ASN A 137 36.99 -16.14 -1.50
C ASN A 137 35.54 -15.69 -1.26
N ALA A 138 34.72 -15.83 -2.28
CA ALA A 138 33.30 -15.53 -2.15
C ALA A 138 32.63 -16.56 -1.24
N PRO A 139 31.54 -16.17 -0.58
CA PRO A 139 30.81 -17.11 0.28
C PRO A 139 30.29 -18.32 -0.51
N ILE A 140 30.10 -19.43 0.18
CA ILE A 140 29.62 -20.66 -0.45
C ILE A 140 28.48 -21.26 0.35
N LEU A 141 27.83 -22.26 -0.21
CA LEU A 141 26.68 -22.91 0.43
C LEU A 141 27.12 -24.06 1.34
N SER A 142 26.19 -24.51 2.17
CA SER A 142 26.44 -25.54 3.18
C SER A 142 27.46 -25.04 4.20
N SER B 1 14.55 -34.24 -22.71
CA SER B 1 13.87 -33.27 -21.85
C SER B 1 12.97 -33.97 -20.84
N MET B 2 12.27 -33.18 -20.02
CA MET B 2 11.33 -33.73 -19.05
C MET B 2 9.92 -33.61 -19.53
N ASP B 3 9.04 -34.45 -19.00
CA ASP B 3 7.60 -34.33 -19.24
C ASP B 3 6.87 -34.29 -17.91
N ILE B 4 6.53 -33.09 -17.45
CA ILE B 4 5.91 -32.89 -16.15
C ILE B 4 4.42 -32.64 -16.29
N ASP B 5 3.63 -33.31 -15.44
CA ASP B 5 2.19 -33.14 -15.46
C ASP B 5 1.74 -32.34 -14.23
N PRO B 6 1.23 -31.12 -14.46
CA PRO B 6 0.84 -30.22 -13.37
C PRO B 6 -0.29 -30.76 -12.49
N TYR B 7 -1.16 -31.59 -13.07
CA TYR B 7 -2.31 -32.11 -12.32
C TYR B 7 -2.02 -33.45 -11.65
N LYS B 8 -0.86 -34.03 -11.95
CA LYS B 8 -0.52 -35.37 -11.49
C LYS B 8 -0.41 -35.43 -9.96
N GLU B 9 0.26 -34.45 -9.35
CA GLU B 9 0.41 -34.41 -7.91
C GLU B 9 -0.92 -34.10 -7.22
N PHE B 10 -1.90 -33.68 -8.02
CA PHE B 10 -3.23 -33.37 -7.49
C PHE B 10 -4.25 -34.47 -7.81
N GLY B 11 -3.77 -35.58 -8.38
CA GLY B 11 -4.61 -36.73 -8.63
C GLY B 11 -5.40 -36.71 -9.92
N ALA B 12 -4.99 -35.86 -10.86
CA ALA B 12 -5.65 -35.80 -12.16
C ALA B 12 -4.61 -35.78 -13.29
N THR B 13 -5.08 -35.55 -14.51
CA THR B 13 -4.21 -35.53 -15.69
C THR B 13 -4.63 -34.44 -16.67
N VAL B 14 -3.71 -34.10 -17.58
CA VAL B 14 -3.97 -33.11 -18.62
C VAL B 14 -5.14 -33.53 -19.51
N GLU B 15 -5.16 -34.80 -19.91
N GLU B 15 -5.15 -34.80 -19.92
CA GLU B 15 -6.20 -35.32 -20.79
CA GLU B 15 -6.20 -35.33 -20.79
C GLU B 15 -7.56 -35.25 -20.10
C GLU B 15 -7.56 -35.28 -20.11
N LEU B 16 -7.57 -35.46 -18.80
CA LEU B 16 -8.80 -35.47 -18.02
C LEU B 16 -9.47 -34.11 -18.02
N LEU B 17 -8.67 -33.04 -17.95
CA LEU B 17 -9.24 -31.70 -17.99
C LEU B 17 -9.64 -31.30 -19.41
N SER B 18 -9.03 -31.95 -20.40
CA SER B 18 -9.38 -31.70 -21.78
C SER B 18 -10.66 -32.44 -22.15
N PHE B 19 -11.13 -33.28 -21.23
CA PHE B 19 -12.40 -33.98 -21.39
C PHE B 19 -13.54 -32.97 -21.44
N LEU B 20 -13.46 -31.98 -20.56
CA LEU B 20 -14.43 -30.89 -20.52
C LEU B 20 -14.25 -29.96 -21.71
N PRO B 21 -15.37 -29.57 -22.35
CA PRO B 21 -15.33 -28.72 -23.54
C PRO B 21 -14.74 -27.34 -23.27
N SER B 22 -14.31 -26.65 -24.32
CA SER B 22 -13.64 -25.36 -24.19
C SER B 22 -14.54 -24.26 -23.64
N ASP B 23 -15.83 -24.34 -23.95
CA ASP B 23 -16.78 -23.31 -23.54
C ASP B 23 -17.30 -23.54 -22.12
N PHE B 24 -16.87 -24.64 -21.50
CA PHE B 24 -17.28 -24.95 -20.13
C PHE B 24 -16.62 -23.99 -19.14
N PHE B 25 -15.34 -23.70 -19.36
CA PHE B 25 -14.59 -22.88 -18.42
C PHE B 25 -14.96 -21.40 -18.55
N PRO B 26 -15.06 -20.71 -17.40
CA PRO B 26 -15.24 -19.26 -17.41
C PRO B 26 -14.07 -18.55 -18.07
N SER B 27 -14.21 -17.27 -18.39
CA SER B 27 -13.11 -16.51 -18.97
C SER B 27 -11.97 -16.39 -17.96
N VAL B 28 -10.76 -16.12 -18.44
CA VAL B 28 -9.60 -15.93 -17.59
C VAL B 28 -9.86 -14.79 -16.60
N ARG B 29 -10.51 -13.74 -17.10
CA ARG B 29 -10.82 -12.57 -16.28
C ARG B 29 -11.74 -12.93 -15.11
N ASP B 30 -12.79 -13.71 -15.39
CA ASP B 30 -13.73 -14.11 -14.36
C ASP B 30 -13.09 -15.05 -13.34
N LEU B 31 -12.08 -15.79 -13.78
CA LEU B 31 -11.38 -16.73 -12.91
C LEU B 31 -10.41 -16.03 -11.97
N LEU B 32 -9.69 -15.04 -12.47
CA LEU B 32 -8.77 -14.27 -11.66
C LEU B 32 -9.50 -13.46 -10.59
N ASP B 33 -10.65 -12.90 -10.94
CA ASP B 33 -11.44 -12.12 -10.00
C ASP B 33 -12.03 -13.01 -8.91
N THR B 34 -12.33 -14.26 -9.25
CA THR B 34 -12.91 -15.19 -8.28
C THR B 34 -11.84 -15.68 -7.30
N ALA B 35 -10.64 -15.92 -7.82
CA ALA B 35 -9.52 -16.32 -6.99
C ALA B 35 -9.26 -15.26 -5.94
N ALA B 36 -9.25 -14.00 -6.37
CA ALA B 36 -9.06 -12.86 -5.47
C ALA B 36 -10.22 -12.73 -4.49
N ALA B 37 -11.44 -12.78 -5.01
CA ALA B 37 -12.64 -12.60 -4.20
C ALA B 37 -12.70 -13.61 -3.04
N LEU B 38 -12.27 -14.83 -3.30
CA LEU B 38 -12.37 -15.90 -2.32
C LEU B 38 -11.07 -16.12 -1.55
N TYR B 39 -9.93 -15.78 -2.14
CA TYR B 39 -8.64 -16.12 -1.52
C TYR B 39 -7.57 -15.04 -1.58
N ARG B 40 -7.96 -13.76 -1.64
CA ARG B 40 -6.97 -12.68 -1.71
C ARG B 40 -5.99 -12.71 -0.54
N ASP B 41 -6.51 -12.85 0.68
CA ASP B 41 -5.66 -12.86 1.87
C ASP B 41 -4.79 -14.11 1.91
N ALA B 42 -5.33 -15.23 1.43
CA ALA B 42 -4.62 -16.50 1.45
C ALA B 42 -3.53 -16.59 0.38
N LEU B 43 -3.83 -16.12 -0.82
CA LEU B 43 -2.87 -16.13 -1.92
C LEU B 43 -1.68 -15.22 -1.66
N GLU B 44 -1.88 -14.18 -0.86
CA GLU B 44 -0.83 -13.23 -0.53
C GLU B 44 -0.15 -13.58 0.80
N SER B 45 -0.71 -14.58 1.49
CA SER B 45 -0.20 -15.00 2.80
C SER B 45 1.23 -15.51 2.76
N PRO B 46 1.96 -15.33 3.87
CA PRO B 46 3.31 -15.89 4.03
C PRO B 46 3.28 -17.39 4.27
N GLU B 47 2.10 -17.94 4.51
CA GLU B 47 1.94 -19.37 4.77
C GLU B 47 1.63 -20.17 3.51
N HIS B 48 2.11 -21.41 3.48
CA HIS B 48 1.87 -22.30 2.36
C HIS B 48 0.37 -22.54 2.17
N CYS B 49 -0.33 -22.69 3.30
CA CYS B 49 -1.77 -22.96 3.34
C CYS B 49 -2.07 -24.37 2.83
N SER B 50 -1.81 -24.60 1.55
CA SER B 50 -2.05 -25.90 0.92
C SER B 50 -1.33 -25.98 -0.42
N PRO B 51 -1.06 -27.21 -0.91
CA PRO B 51 -0.45 -27.38 -2.23
C PRO B 51 -1.25 -26.71 -3.34
N HIS B 52 -2.57 -26.69 -3.20
CA HIS B 52 -3.44 -26.02 -4.17
C HIS B 52 -3.15 -24.52 -4.18
N HIS B 53 -2.97 -23.95 -2.99
CA HIS B 53 -2.61 -22.54 -2.86
C HIS B 53 -1.29 -22.23 -3.55
N THR B 54 -0.28 -23.08 -3.34
CA THR B 54 1.04 -22.86 -3.91
C THR B 54 1.01 -22.82 -5.43
N ALA B 55 0.27 -23.76 -6.03
CA ALA B 55 0.19 -23.86 -7.48
C ALA B 55 -0.58 -22.70 -8.10
N LEU B 56 -1.69 -22.34 -7.46
CA LEU B 56 -2.54 -21.25 -7.92
C LEU B 56 -1.78 -19.92 -7.96
N ARG B 57 -0.92 -19.70 -6.97
CA ARG B 57 -0.08 -18.50 -6.93
C ARG B 57 0.79 -18.38 -8.18
N GLN B 58 1.39 -19.49 -8.57
CA GLN B 58 2.25 -19.51 -9.75
C GLN B 58 1.44 -19.33 -11.02
N ALA B 59 0.24 -19.91 -11.04
CA ALA B 59 -0.63 -19.85 -12.21
C ALA B 59 -1.03 -18.41 -12.52
N ILE B 60 -1.54 -17.71 -11.51
CA ILE B 60 -1.93 -16.30 -11.66
C ILE B 60 -0.75 -15.47 -12.15
N LEU B 61 0.40 -15.64 -11.49
CA LEU B 61 1.61 -14.91 -11.85
C LEU B 61 2.09 -15.24 -13.26
N CYS B 62 2.04 -16.52 -13.62
CA CYS B 62 2.47 -16.96 -14.95
C CYS B 62 1.62 -16.33 -16.05
N TRP B 63 0.31 -16.32 -15.86
CA TRP B 63 -0.59 -15.68 -16.82
C TRP B 63 -0.29 -14.19 -16.92
N GLY B 64 0.07 -13.59 -15.79
CA GLY B 64 0.48 -12.20 -15.75
C GLY B 64 1.65 -11.92 -16.68
N ASP B 65 2.67 -12.76 -16.61
CA ASP B 65 3.84 -12.63 -17.47
C ASP B 65 3.46 -12.79 -18.94
N LEU B 66 2.57 -13.73 -19.22
CA LEU B 66 2.10 -13.98 -20.57
C LEU B 66 1.36 -12.78 -21.17
N MET B 67 0.54 -12.12 -20.35
CA MET B 67 -0.18 -10.94 -20.80
C MET B 67 0.77 -9.76 -21.01
N THR B 68 1.71 -9.61 -20.08
CA THR B 68 2.72 -8.55 -20.17
C THR B 68 3.52 -8.67 -21.47
N LEU B 69 3.74 -9.91 -21.90
CA LEU B 69 4.49 -10.17 -23.13
C LEU B 69 3.69 -9.83 -24.38
N ALA B 70 2.46 -10.33 -24.45
CA ALA B 70 1.60 -10.10 -25.60
C ALA B 70 1.23 -8.62 -25.75
N THR B 71 1.14 -7.92 -24.63
CA THR B 71 0.83 -6.50 -24.64
C THR B 71 2.01 -5.74 -25.25
N TRP B 72 3.21 -6.26 -25.02
CA TRP B 72 4.43 -5.63 -25.51
C TRP B 72 4.61 -5.90 -27.00
N VAL B 73 4.12 -7.06 -27.45
CA VAL B 73 4.19 -7.44 -28.85
C VAL B 73 3.42 -6.45 -29.72
N GLY B 74 2.23 -6.09 -29.26
CA GLY B 74 1.40 -5.12 -29.95
C GLY B 74 2.04 -3.75 -30.09
N LEU B 85 -3.84 -11.25 -34.15
CA LEU B 85 -3.62 -12.70 -34.11
C LEU B 85 -2.62 -13.07 -33.02
N VAL B 86 -1.61 -12.22 -32.84
CA VAL B 86 -0.59 -12.46 -31.81
C VAL B 86 -1.21 -12.32 -30.43
N VAL B 87 -1.99 -11.26 -30.23
CA VAL B 87 -2.71 -11.08 -28.97
C VAL B 87 -3.78 -12.16 -28.86
N SER B 88 -4.41 -12.45 -30.00
CA SER B 88 -5.44 -13.47 -30.11
C SER B 88 -4.89 -14.86 -29.86
N TYR B 89 -3.59 -15.03 -30.09
CA TYR B 89 -2.94 -16.34 -29.93
C TYR B 89 -2.95 -16.77 -28.47
N VAL B 90 -2.61 -15.83 -27.58
CA VAL B 90 -2.56 -16.13 -26.16
C VAL B 90 -3.95 -16.50 -25.66
N ASN B 91 -4.95 -15.74 -26.08
CA ASN B 91 -6.32 -15.96 -25.60
C ASN B 91 -6.98 -17.21 -26.21
N THR B 92 -6.53 -17.62 -27.39
CA THR B 92 -7.10 -18.80 -28.05
C THR B 92 -6.49 -20.13 -27.61
N ASN B 93 -5.16 -20.19 -27.66
CA ASN B 93 -4.42 -21.43 -27.40
C ASN B 93 -3.92 -21.50 -25.97
N VAL B 94 -3.23 -20.45 -25.53
CA VAL B 94 -2.64 -20.41 -24.22
C VAL B 94 -3.73 -20.13 -23.20
N GLY B 95 -4.71 -19.34 -23.63
CA GLY B 95 -5.87 -19.00 -22.79
C GLY B 95 -6.59 -20.22 -22.26
N LEU B 96 -6.88 -21.17 -23.14
CA LEU B 96 -7.59 -22.39 -22.76
C LEU B 96 -6.84 -23.17 -21.68
N LYS B 97 -5.52 -23.18 -21.76
CA LYS B 97 -4.68 -23.91 -20.81
C LYS B 97 -4.84 -23.39 -19.38
N PHE B 98 -4.88 -22.07 -19.24
CA PHE B 98 -5.00 -21.45 -17.93
C PHE B 98 -6.44 -21.40 -17.44
N ARG B 99 -7.40 -21.39 -18.37
CA ARG B 99 -8.80 -21.47 -17.99
C ARG B 99 -9.07 -22.81 -17.30
N GLN B 100 -8.35 -23.85 -17.74
CA GLN B 100 -8.43 -25.15 -17.11
C GLN B 100 -7.71 -25.18 -15.77
N LEU B 101 -6.47 -24.72 -15.77
CA LEU B 101 -5.63 -24.74 -14.57
C LEU B 101 -6.19 -23.89 -13.44
N LEU B 102 -6.59 -22.66 -13.75
CA LEU B 102 -7.16 -21.77 -12.75
C LEU B 102 -8.45 -22.35 -12.18
N TRP B 103 -9.31 -22.85 -13.05
CA TRP B 103 -10.59 -23.41 -12.62
C TRP B 103 -10.39 -24.62 -11.73
N PHE B 104 -9.42 -25.46 -12.08
CA PHE B 104 -9.19 -26.71 -11.36
C PHE B 104 -8.83 -26.45 -9.90
N HIS B 105 -7.90 -25.54 -9.66
CA HIS B 105 -7.42 -25.27 -8.31
C HIS B 105 -8.45 -24.49 -7.49
N ILE B 106 -9.11 -23.52 -8.13
CA ILE B 106 -10.14 -22.73 -7.46
C ILE B 106 -11.28 -23.65 -7.02
N SER B 107 -11.66 -24.58 -7.91
CA SER B 107 -12.76 -25.49 -7.64
C SER B 107 -12.39 -26.52 -6.56
N CYS B 108 -11.13 -26.93 -6.55
CA CYS B 108 -10.65 -27.89 -5.55
C CYS B 108 -10.60 -27.24 -4.17
N LEU B 109 -10.20 -25.98 -4.13
CA LEU B 109 -10.17 -25.24 -2.87
C LEU B 109 -11.58 -24.97 -2.35
N THR B 110 -12.51 -24.74 -3.27
CA THR B 110 -13.86 -24.35 -2.92
C THR B 110 -14.77 -25.54 -2.59
N PHE B 111 -14.67 -26.61 -3.38
CA PHE B 111 -15.59 -27.73 -3.24
C PHE B 111 -14.92 -29.02 -2.78
N GLY B 112 -13.60 -29.10 -2.93
CA GLY B 112 -12.87 -30.30 -2.53
C GLY B 112 -12.40 -31.13 -3.69
N ARG B 113 -11.18 -31.67 -3.58
CA ARG B 113 -10.55 -32.43 -4.66
C ARG B 113 -11.44 -33.54 -5.22
N GLU B 114 -11.82 -34.47 -4.35
CA GLU B 114 -12.62 -35.63 -4.74
C GLU B 114 -13.91 -35.26 -5.45
N THR B 115 -14.57 -34.20 -4.98
CA THR B 115 -15.81 -33.74 -5.60
C THR B 115 -15.56 -33.24 -7.01
N VAL B 116 -14.46 -32.51 -7.19
CA VAL B 116 -14.10 -31.95 -8.50
C VAL B 116 -13.85 -33.05 -9.52
N LEU B 117 -13.19 -34.13 -9.09
CA LEU B 117 -12.80 -35.21 -10.00
C LEU B 117 -14.02 -35.98 -10.50
N GLU B 118 -14.91 -36.32 -9.58
CA GLU B 118 -16.16 -36.98 -9.91
C GLU B 118 -17.01 -36.13 -10.85
N TYR B 119 -17.10 -34.84 -10.54
CA TYR B 119 -17.87 -33.90 -11.36
C TYR B 119 -17.31 -33.83 -12.77
N LEU B 120 -15.98 -33.91 -12.88
CA LEU B 120 -15.29 -33.80 -14.16
C LEU B 120 -15.73 -34.90 -15.11
N VAL B 121 -15.77 -36.15 -14.62
CA VAL B 121 -16.17 -37.26 -15.46
C VAL B 121 -17.69 -37.23 -15.63
N SER B 122 -18.41 -36.80 -14.60
CA SER B 122 -19.87 -36.75 -14.64
C SER B 122 -20.39 -35.76 -15.67
N PHE B 123 -19.75 -34.60 -15.77
CA PHE B 123 -20.21 -33.59 -16.73
C PHE B 123 -19.77 -33.93 -18.14
N GLY B 124 -18.59 -34.55 -18.26
CA GLY B 124 -18.07 -34.96 -19.55
C GLY B 124 -18.97 -35.97 -20.24
N VAL B 125 -19.47 -36.92 -19.47
CA VAL B 125 -20.41 -37.92 -19.97
C VAL B 125 -21.76 -37.24 -20.25
N TRP B 126 -22.12 -36.28 -19.41
CA TRP B 126 -23.42 -35.63 -19.51
C TRP B 126 -23.52 -34.71 -20.72
N ILE B 127 -22.49 -33.90 -20.95
CA ILE B 127 -22.52 -32.93 -22.04
C ILE B 127 -22.40 -33.65 -23.38
N ARG B 128 -21.84 -34.85 -23.36
CA ARG B 128 -21.63 -35.60 -24.59
C ARG B 128 -22.88 -36.38 -24.99
N THR B 129 -23.79 -36.55 -24.05
CA THR B 129 -25.10 -37.14 -24.35
C THR B 129 -25.92 -36.13 -25.14
N PRO B 130 -26.43 -36.54 -26.30
CA PRO B 130 -27.33 -35.72 -27.12
C PRO B 130 -28.49 -35.14 -26.30
N PRO B 131 -28.93 -33.92 -26.63
CA PRO B 131 -29.91 -33.16 -25.84
C PRO B 131 -31.21 -33.91 -25.56
N ALA B 132 -31.67 -34.71 -26.52
CA ALA B 132 -32.95 -35.40 -26.40
C ALA B 132 -32.95 -36.47 -25.30
N ALA B 133 -31.79 -37.02 -25.01
CA ALA B 133 -31.71 -38.15 -24.09
C ALA B 133 -31.16 -37.79 -22.72
N ARG B 134 -30.36 -36.73 -22.64
CA ARG B 134 -29.69 -36.40 -21.40
C ARG B 134 -30.65 -35.70 -20.43
N PRO B 135 -30.49 -35.97 -19.13
CA PRO B 135 -31.33 -35.37 -18.08
C PRO B 135 -31.29 -33.85 -18.14
N PRO B 136 -32.37 -33.19 -17.70
CA PRO B 136 -32.42 -31.73 -17.77
C PRO B 136 -31.45 -31.04 -16.82
N ASN B 137 -31.27 -31.58 -15.62
CA ASN B 137 -30.38 -31.01 -14.61
C ASN B 137 -28.98 -31.61 -14.68
N ALA B 138 -28.00 -30.77 -15.02
CA ALA B 138 -26.60 -31.18 -15.07
C ALA B 138 -26.08 -31.49 -13.66
N PRO B 139 -25.05 -32.35 -13.57
CA PRO B 139 -24.45 -32.67 -12.26
C PRO B 139 -23.88 -31.44 -11.57
N ILE B 140 -23.82 -31.47 -10.24
CA ILE B 140 -23.34 -30.32 -9.49
C ILE B 140 -22.32 -30.65 -8.41
N LEU B 141 -21.68 -29.62 -7.88
CA LEU B 141 -20.71 -29.74 -6.80
C LEU B 141 -21.40 -29.55 -5.45
N SER B 142 -20.97 -30.35 -4.47
CA SER B 142 -21.54 -30.42 -3.11
C SER B 142 -21.19 -31.75 -2.47
N SER C 1 -3.37 12.08 2.00
CA SER C 1 -4.82 12.06 2.17
C SER C 1 -5.27 10.77 2.85
N MET C 2 -6.57 10.62 3.03
CA MET C 2 -7.13 9.43 3.64
C MET C 2 -7.69 8.48 2.59
N ASP C 3 -7.76 7.21 2.93
CA ASP C 3 -8.42 6.21 2.10
C ASP C 3 -9.42 5.43 2.95
N ILE C 4 -10.69 5.80 2.84
CA ILE C 4 -11.74 5.21 3.65
C ILE C 4 -12.56 4.19 2.85
N ASP C 5 -12.82 3.04 3.47
CA ASP C 5 -13.64 2.01 2.85
C ASP C 5 -14.99 1.96 3.56
N PRO C 6 -16.07 2.34 2.85
CA PRO C 6 -17.41 2.44 3.45
C PRO C 6 -17.96 1.10 3.96
N TYR C 7 -17.55 -0.01 3.33
CA TYR C 7 -18.08 -1.32 3.70
C TYR C 7 -17.23 -2.02 4.75
N LYS C 8 -16.08 -1.44 5.07
CA LYS C 8 -15.10 -2.10 5.93
C LYS C 8 -15.60 -2.35 7.35
N GLU C 9 -16.25 -1.35 7.95
CA GLU C 9 -16.80 -1.50 9.30
C GLU C 9 -17.99 -2.47 9.31
N PHE C 10 -18.49 -2.80 8.14
CA PHE C 10 -19.64 -3.70 8.02
C PHE C 10 -19.21 -5.10 7.60
N GLY C 11 -17.90 -5.33 7.56
CA GLY C 11 -17.35 -6.64 7.29
C GLY C 11 -17.17 -7.00 5.82
N ALA C 12 -17.15 -6.00 4.96
CA ALA C 12 -16.89 -6.21 3.55
C ALA C 12 -15.88 -5.20 3.02
N THR C 13 -15.72 -5.16 1.70
CA THR C 13 -14.78 -4.24 1.05
C THR C 13 -15.39 -3.73 -0.25
N VAL C 14 -14.83 -2.64 -0.77
CA VAL C 14 -15.28 -2.08 -2.05
C VAL C 14 -15.13 -3.12 -3.16
N GLU C 15 -14.01 -3.83 -3.15
CA GLU C 15 -13.73 -4.83 -4.18
C GLU C 15 -14.75 -5.97 -4.14
N LEU C 16 -15.19 -6.35 -2.94
CA LEU C 16 -16.11 -7.47 -2.79
C LEU C 16 -17.47 -7.20 -3.41
N LEU C 17 -17.97 -5.97 -3.29
CA LEU C 17 -19.27 -5.65 -3.90
C LEU C 17 -19.15 -5.49 -5.42
N SER C 18 -17.93 -5.22 -5.89
CA SER C 18 -17.70 -5.09 -7.32
C SER C 18 -17.62 -6.46 -7.98
N PHE C 19 -17.62 -7.51 -7.15
CA PHE C 19 -17.66 -8.88 -7.63
C PHE C 19 -18.95 -9.12 -8.40
N LEU C 20 -20.05 -8.60 -7.86
CA LEU C 20 -21.35 -8.67 -8.51
C LEU C 20 -21.40 -7.72 -9.71
N PRO C 21 -21.93 -8.20 -10.85
CA PRO C 21 -22.00 -7.39 -12.07
C PRO C 21 -22.89 -6.16 -11.92
N SER C 22 -22.72 -5.20 -12.81
CA SER C 22 -23.45 -3.93 -12.73
C SER C 22 -24.95 -4.10 -12.94
N ASP C 23 -25.34 -5.10 -13.74
CA ASP C 23 -26.76 -5.31 -14.06
C ASP C 23 -27.49 -6.10 -12.97
N PHE C 24 -26.75 -6.51 -11.95
CA PHE C 24 -27.33 -7.24 -10.82
C PHE C 24 -28.18 -6.31 -9.94
N PHE C 25 -27.68 -5.11 -9.69
CA PHE C 25 -28.33 -4.16 -8.80
C PHE C 25 -29.55 -3.48 -9.41
N PRO C 26 -30.61 -3.30 -8.59
CA PRO C 26 -31.77 -2.51 -9.02
C PRO C 26 -31.37 -1.06 -9.30
N SER C 27 -32.25 -0.31 -9.97
CA SER C 27 -31.99 1.11 -10.22
C SER C 27 -31.99 1.89 -8.91
N VAL C 28 -31.36 3.07 -8.90
CA VAL C 28 -31.33 3.92 -7.73
C VAL C 28 -32.75 4.27 -7.28
N ARG C 29 -33.61 4.54 -8.26
CA ARG C 29 -35.00 4.89 -7.99
C ARG C 29 -35.72 3.77 -7.27
N ASP C 30 -35.55 2.55 -7.75
CA ASP C 30 -36.19 1.38 -7.15
C ASP C 30 -35.62 1.11 -5.76
N LEU C 31 -34.38 1.51 -5.54
CA LEU C 31 -33.73 1.31 -4.25
C LEU C 31 -34.20 2.33 -3.23
N LEU C 32 -34.33 3.58 -3.65
CA LEU C 32 -34.84 4.64 -2.77
C LEU C 32 -36.30 4.40 -2.41
N ASP C 33 -37.08 3.93 -3.38
CA ASP C 33 -38.49 3.63 -3.14
C ASP C 33 -38.64 2.46 -2.20
N THR C 34 -37.69 1.53 -2.25
CA THR C 34 -37.71 0.34 -1.41
C THR C 34 -37.29 0.68 0.02
N ALA C 35 -36.28 1.55 0.14
CA ALA C 35 -35.81 2.01 1.44
C ALA C 35 -36.92 2.67 2.23
N ALA C 36 -37.68 3.54 1.55
CA ALA C 36 -38.82 4.21 2.18
C ALA C 36 -39.90 3.19 2.53
N ALA C 37 -40.23 2.32 1.59
CA ALA C 37 -41.28 1.33 1.79
C ALA C 37 -41.01 0.44 3.00
N LEU C 38 -39.75 0.10 3.22
CA LEU C 38 -39.39 -0.84 4.29
C LEU C 38 -38.91 -0.19 5.59
N TYR C 39 -38.35 1.01 5.51
CA TYR C 39 -37.71 1.60 6.69
C TYR C 39 -37.98 3.09 6.89
N ARG C 40 -39.13 3.56 6.40
CA ARG C 40 -39.47 4.98 6.46
C ARG C 40 -39.43 5.50 7.90
N ASP C 41 -40.08 4.75 8.79
CA ASP C 41 -40.18 5.12 10.19
C ASP C 41 -38.85 5.04 10.93
N ALA C 42 -38.03 4.06 10.55
CA ALA C 42 -36.73 3.85 11.19
C ALA C 42 -35.68 4.86 10.72
N LEU C 43 -35.68 5.14 9.41
CA LEU C 43 -34.73 6.08 8.82
C LEU C 43 -34.96 7.51 9.33
N GLU C 44 -36.19 7.82 9.70
CA GLU C 44 -36.53 9.15 10.19
C GLU C 44 -36.52 9.20 11.73
N SER C 45 -36.36 8.04 12.34
CA SER C 45 -36.36 7.93 13.80
C SER C 45 -35.23 8.73 14.48
N PRO C 46 -35.49 9.22 15.71
CA PRO C 46 -34.48 9.88 16.53
C PRO C 46 -33.49 8.89 17.13
N GLU C 47 -33.78 7.60 16.99
CA GLU C 47 -32.91 6.56 17.54
C GLU C 47 -31.90 6.06 16.51
N HIS C 48 -30.72 5.67 16.98
CA HIS C 48 -29.66 5.17 16.12
C HIS C 48 -30.11 3.93 15.34
N CYS C 49 -30.80 3.04 16.04
CA CYS C 49 -31.29 1.77 15.51
C CYS C 49 -30.14 0.79 15.25
N SER C 50 -29.28 1.13 14.30
CA SER C 50 -28.12 0.29 13.97
C SER C 50 -27.13 1.06 13.10
N PRO C 51 -25.86 0.61 13.09
CA PRO C 51 -24.87 1.23 12.20
C PRO C 51 -25.29 1.22 10.73
N HIS C 52 -26.01 0.17 10.33
CA HIS C 52 -26.54 0.06 8.98
C HIS C 52 -27.55 1.18 8.70
N HIS C 53 -28.40 1.45 9.68
CA HIS C 53 -29.37 2.53 9.59
C HIS C 53 -28.66 3.87 9.42
N THR C 54 -27.61 4.09 10.21
CA THR C 54 -26.85 5.34 10.21
C THR C 54 -26.23 5.60 8.83
N ALA C 55 -25.67 4.56 8.22
CA ALA C 55 -25.01 4.70 6.93
C ALA C 55 -26.00 4.96 5.80
N LEU C 56 -27.12 4.25 5.83
CA LEU C 56 -28.18 4.39 4.83
C LEU C 56 -28.74 5.81 4.79
N ARG C 57 -28.89 6.42 5.96
CA ARG C 57 -29.37 7.80 6.06
C ARG C 57 -28.47 8.75 5.28
N GLN C 58 -27.16 8.59 5.44
CA GLN C 58 -26.18 9.42 4.76
C GLN C 58 -26.16 9.13 3.26
N ALA C 59 -26.33 7.86 2.91
CA ALA C 59 -26.32 7.43 1.50
C ALA C 59 -27.46 8.06 0.70
N ILE C 60 -28.68 7.94 1.22
CA ILE C 60 -29.85 8.53 0.59
C ILE C 60 -29.68 10.04 0.41
N LEU C 61 -29.28 10.71 1.48
CA LEU C 61 -29.09 12.15 1.48
C LEU C 61 -27.98 12.58 0.53
N CYS C 62 -26.88 11.83 0.52
CA CYS C 62 -25.77 12.14 -0.37
C CYS C 62 -26.18 12.07 -1.83
N TRP C 63 -26.93 11.04 -2.19
CA TRP C 63 -27.44 10.91 -3.55
C TRP C 63 -28.37 12.07 -3.87
N GLY C 64 -29.15 12.49 -2.87
CA GLY C 64 -30.01 13.64 -3.00
C GLY C 64 -29.21 14.89 -3.33
N ASP C 65 -28.13 15.10 -2.58
CA ASP C 65 -27.24 16.24 -2.80
C ASP C 65 -26.60 16.18 -4.19
N LEU C 66 -26.23 14.98 -4.61
CA LEU C 66 -25.64 14.78 -5.92
C LEU C 66 -26.63 15.12 -7.03
N MET C 67 -27.88 14.71 -6.84
CA MET C 67 -28.94 15.00 -7.81
C MET C 67 -29.33 16.47 -7.76
N THR C 68 -29.42 17.02 -6.56
CA THR C 68 -29.75 18.44 -6.36
C THR C 68 -28.75 19.33 -7.11
N LEU C 69 -27.50 18.89 -7.15
CA LEU C 69 -26.45 19.67 -7.82
C LEU C 69 -26.57 19.61 -9.33
N ALA C 70 -26.70 18.40 -9.89
CA ALA C 70 -26.80 18.22 -11.33
C ALA C 70 -28.11 18.79 -11.90
N THR C 71 -29.18 18.73 -11.11
CA THR C 71 -30.46 19.28 -11.53
C THR C 71 -30.44 20.80 -11.61
N TRP C 72 -29.70 21.42 -10.69
CA TRP C 72 -29.65 22.87 -10.61
C TRP C 72 -28.77 23.50 -11.69
N VAL C 73 -27.71 22.77 -12.07
CA VAL C 73 -26.80 23.23 -13.11
C VAL C 73 -27.52 23.39 -14.44
N SER C 82 -29.86 19.97 -21.93
CA SER C 82 -28.74 20.32 -21.07
C SER C 82 -28.90 19.71 -19.67
N ARG C 83 -30.15 19.56 -19.25
CA ARG C 83 -30.44 18.97 -17.95
C ARG C 83 -30.14 17.47 -17.96
N ASP C 84 -30.45 16.82 -19.07
CA ASP C 84 -30.22 15.38 -19.22
C ASP C 84 -28.73 15.05 -19.26
N LEU C 85 -27.91 16.01 -19.68
CA LEU C 85 -26.47 15.78 -19.79
C LEU C 85 -25.81 15.62 -18.42
N VAL C 86 -26.24 16.42 -17.46
CA VAL C 86 -25.72 16.34 -16.10
C VAL C 86 -26.21 15.07 -15.42
N VAL C 87 -27.50 14.77 -15.60
CA VAL C 87 -28.12 13.59 -15.03
C VAL C 87 -27.53 12.31 -15.60
N SER C 88 -27.22 12.32 -16.90
CA SER C 88 -26.63 11.14 -17.54
C SER C 88 -25.23 10.87 -17.01
N TYR C 89 -24.54 11.93 -16.58
CA TYR C 89 -23.19 11.78 -16.05
C TYR C 89 -23.20 11.09 -14.69
N VAL C 90 -24.13 11.53 -13.83
CA VAL C 90 -24.23 11.01 -12.47
C VAL C 90 -24.57 9.52 -12.45
N ASN C 91 -25.54 9.12 -13.27
CA ASN C 91 -25.98 7.73 -13.30
C ASN C 91 -24.94 6.83 -13.96
N THR C 92 -24.06 7.43 -14.76
CA THR C 92 -23.05 6.68 -15.48
C THR C 92 -21.86 6.33 -14.57
N ASN C 93 -21.34 7.33 -13.88
CA ASN C 93 -20.14 7.15 -13.06
C ASN C 93 -20.49 6.88 -11.60
N VAL C 94 -21.29 7.78 -11.04
CA VAL C 94 -21.65 7.75 -9.62
C VAL C 94 -22.78 6.75 -9.33
N GLY C 95 -23.66 6.56 -10.30
CA GLY C 95 -24.82 5.70 -10.14
C GLY C 95 -24.57 4.28 -9.65
N LEU C 96 -23.64 3.57 -10.28
CA LEU C 96 -23.32 2.21 -9.87
C LEU C 96 -22.87 2.14 -8.41
N LYS C 97 -22.09 3.13 -8.03
CA LYS C 97 -21.47 3.20 -6.70
C LYS C 97 -22.56 3.28 -5.60
N PHE C 98 -23.62 4.05 -5.83
CA PHE C 98 -24.72 4.14 -4.87
C PHE C 98 -25.72 2.99 -5.00
N ARG C 99 -25.83 2.40 -6.20
CA ARG C 99 -26.68 1.22 -6.38
C ARG C 99 -26.15 0.06 -5.53
N GLN C 100 -24.84 0.00 -5.38
CA GLN C 100 -24.19 -1.00 -4.55
C GLN C 100 -24.38 -0.66 -3.08
N LEU C 101 -24.11 0.59 -2.73
CA LEU C 101 -24.19 1.07 -1.36
C LEU C 101 -25.61 0.93 -0.81
N LEU C 102 -26.59 1.39 -1.59
CA LEU C 102 -27.98 1.29 -1.19
C LEU C 102 -28.43 -0.15 -1.03
N TRP C 103 -28.05 -1.00 -2.00
CA TRP C 103 -28.43 -2.42 -1.96
C TRP C 103 -27.83 -3.15 -0.78
N PHE C 104 -26.56 -2.85 -0.48
CA PHE C 104 -25.83 -3.54 0.57
C PHE C 104 -26.49 -3.39 1.94
N HIS C 105 -26.85 -2.15 2.28
CA HIS C 105 -27.41 -1.86 3.59
C HIS C 105 -28.86 -2.35 3.72
N ILE C 106 -29.64 -2.15 2.66
CA ILE C 106 -31.03 -2.59 2.64
C ILE C 106 -31.11 -4.11 2.77
N SER C 107 -30.24 -4.83 2.08
CA SER C 107 -30.23 -6.28 2.13
C SER C 107 -29.76 -6.78 3.49
N CYS C 108 -28.82 -6.05 4.09
CA CYS C 108 -28.30 -6.41 5.41
C CYS C 108 -29.36 -6.19 6.50
N LEU C 109 -30.13 -5.13 6.36
CA LEU C 109 -31.22 -4.87 7.30
C LEU C 109 -32.33 -5.89 7.14
N THR C 110 -32.57 -6.32 5.90
CA THR C 110 -33.68 -7.21 5.60
C THR C 110 -33.34 -8.68 5.83
N PHE C 111 -32.15 -9.09 5.39
CA PHE C 111 -31.78 -10.51 5.41
C PHE C 111 -30.65 -10.84 6.40
N GLY C 112 -29.89 -9.83 6.78
CA GLY C 112 -28.78 -10.02 7.71
C GLY C 112 -27.42 -9.97 7.04
N ARG C 113 -26.47 -9.30 7.70
CA ARG C 113 -25.13 -9.08 7.16
C ARG C 113 -24.43 -10.37 6.70
N GLU C 114 -24.26 -11.31 7.62
CA GLU C 114 -23.57 -12.56 7.34
C GLU C 114 -24.18 -13.29 6.15
N THR C 115 -25.50 -13.29 6.08
CA THR C 115 -26.21 -13.93 4.98
C THR C 115 -25.91 -13.25 3.64
N VAL C 116 -25.89 -11.92 3.66
CA VAL C 116 -25.64 -11.13 2.45
C VAL C 116 -24.26 -11.42 1.87
N LEU C 117 -23.26 -11.57 2.73
CA LEU C 117 -21.88 -11.75 2.29
C LEU C 117 -21.71 -13.10 1.57
N GLU C 118 -22.26 -14.15 2.17
CA GLU C 118 -22.24 -15.48 1.56
C GLU C 118 -22.95 -15.47 0.20
N TYR C 119 -24.11 -14.83 0.14
CA TYR C 119 -24.87 -14.73 -1.10
C TYR C 119 -24.05 -14.02 -2.17
N LEU C 120 -23.30 -13.02 -1.75
CA LEU C 120 -22.49 -12.21 -2.65
C LEU C 120 -21.49 -13.10 -3.37
N VAL C 121 -20.84 -13.98 -2.60
CA VAL C 121 -19.83 -14.88 -3.15
C VAL C 121 -20.52 -15.97 -3.96
N SER C 122 -21.67 -16.42 -3.50
CA SER C 122 -22.41 -17.48 -4.17
C SER C 122 -22.89 -17.06 -5.56
N PHE C 123 -23.36 -15.82 -5.68
CA PHE C 123 -23.88 -15.34 -6.95
C PHE C 123 -22.75 -14.99 -7.91
N GLY C 124 -21.65 -14.48 -7.36
CA GLY C 124 -20.48 -14.13 -8.14
C GLY C 124 -19.89 -15.34 -8.85
N VAL C 125 -19.82 -16.46 -8.13
CA VAL C 125 -19.35 -17.72 -8.68
C VAL C 125 -20.37 -18.26 -9.69
N TRP C 126 -21.65 -18.06 -9.40
CA TRP C 126 -22.73 -18.61 -10.22
C TRP C 126 -22.88 -17.89 -11.56
N ILE C 127 -22.86 -16.55 -11.53
CA ILE C 127 -23.09 -15.78 -12.74
C ILE C 127 -21.90 -15.92 -13.68
N ARG C 128 -20.74 -16.24 -13.12
CA ARG C 128 -19.52 -16.38 -13.91
C ARG C 128 -19.40 -17.75 -14.55
N THR C 129 -20.14 -18.72 -14.04
CA THR C 129 -20.20 -20.04 -14.66
C THR C 129 -20.97 -19.93 -15.96
N PRO C 130 -20.39 -20.39 -17.07
CA PRO C 130 -21.09 -20.42 -18.35
C PRO C 130 -22.45 -21.10 -18.25
N PRO C 131 -23.45 -20.61 -19.00
CA PRO C 131 -24.85 -21.06 -18.89
C PRO C 131 -25.03 -22.57 -19.04
N ALA C 132 -24.21 -23.17 -19.89
CA ALA C 132 -24.36 -24.60 -20.21
C ALA C 132 -24.07 -25.49 -19.01
N ALA C 133 -23.22 -25.01 -18.09
CA ALA C 133 -22.78 -25.83 -16.97
C ALA C 133 -23.41 -25.42 -15.66
N ARG C 134 -23.82 -24.17 -15.55
CA ARG C 134 -24.31 -23.65 -14.27
C ARG C 134 -25.74 -24.11 -13.96
N PRO C 135 -26.00 -24.39 -12.68
CA PRO C 135 -27.31 -24.85 -12.20
C PRO C 135 -28.45 -23.89 -12.52
N PRO C 136 -29.68 -24.42 -12.67
CA PRO C 136 -30.86 -23.61 -12.97
C PRO C 136 -31.22 -22.70 -11.80
N ASN C 137 -30.95 -23.16 -10.58
CA ASN C 137 -31.29 -22.40 -9.38
C ASN C 137 -30.18 -21.46 -8.95
N ALA C 138 -30.42 -20.16 -9.10
CA ALA C 138 -29.49 -19.15 -8.63
C ALA C 138 -29.53 -19.12 -7.10
N PRO C 139 -28.43 -18.71 -6.46
CA PRO C 139 -28.44 -18.61 -4.99
C PRO C 139 -29.48 -17.61 -4.48
N ILE C 140 -29.99 -17.85 -3.28
CA ILE C 140 -30.99 -16.97 -2.68
C ILE C 140 -30.62 -16.66 -1.24
N LEU C 141 -31.33 -15.70 -0.65
CA LEU C 141 -31.10 -15.31 0.74
C LEU C 141 -31.97 -16.11 1.70
N SER D 1 -40.99 9.46 -1.03
CA SER D 1 -40.71 10.83 -0.63
C SER D 1 -40.50 10.91 0.87
N MET D 2 -39.25 10.74 1.29
CA MET D 2 -38.85 10.78 2.70
C MET D 2 -38.24 12.12 3.08
N ASP D 3 -38.26 12.43 4.38
CA ASP D 3 -37.58 13.59 4.90
C ASP D 3 -36.64 13.16 6.02
N ILE D 4 -35.36 13.04 5.70
CA ILE D 4 -34.37 12.54 6.63
C ILE D 4 -33.54 13.69 7.19
N ASP D 5 -33.35 13.68 8.50
CA ASP D 5 -32.55 14.70 9.19
C ASP D 5 -31.24 14.06 9.67
N PRO D 6 -30.10 14.49 9.10
CA PRO D 6 -28.81 13.88 9.42
C PRO D 6 -28.41 14.02 10.89
N TYR D 7 -28.87 15.10 11.52
CA TYR D 7 -28.50 15.38 12.91
C TYR D 7 -29.50 14.82 13.93
N LYS D 8 -30.62 14.29 13.44
CA LYS D 8 -31.71 13.90 14.31
C LYS D 8 -31.35 12.76 15.27
N GLU D 9 -30.70 11.72 14.76
CA GLU D 9 -30.28 10.60 15.60
C GLU D 9 -29.17 11.01 16.57
N PHE D 10 -28.59 12.19 16.33
CA PHE D 10 -27.51 12.68 17.18
C PHE D 10 -28.01 13.77 18.13
N GLY D 11 -29.33 13.97 18.13
CA GLY D 11 -29.96 14.89 19.08
C GLY D 11 -30.01 16.34 18.68
N ALA D 12 -29.82 16.62 17.39
CA ALA D 12 -29.91 17.99 16.89
C ALA D 12 -30.75 18.06 15.62
N THR D 13 -30.76 19.21 14.97
CA THR D 13 -31.55 19.40 13.75
C THR D 13 -30.79 20.25 12.73
N VAL D 14 -31.23 20.18 11.48
CA VAL D 14 -30.64 20.96 10.38
C VAL D 14 -30.75 22.45 10.67
N GLU D 15 -31.91 22.87 11.16
CA GLU D 15 -32.16 24.28 11.45
C GLU D 15 -31.23 24.79 12.53
N LEU D 16 -30.91 23.93 13.49
CA LEU D 16 -30.06 24.29 14.61
C LEU D 16 -28.62 24.63 14.20
N LEU D 17 -28.08 23.91 13.23
CA LEU D 17 -26.72 24.19 12.78
C LEU D 17 -26.64 25.45 11.92
N SER D 18 -27.76 25.80 11.29
CA SER D 18 -27.80 27.01 10.47
C SER D 18 -27.96 28.25 11.36
N PHE D 19 -28.15 28.02 12.65
CA PHE D 19 -28.18 29.08 13.63
C PHE D 19 -26.81 29.76 13.64
N LEU D 20 -25.77 28.94 13.58
CA LEU D 20 -24.40 29.44 13.48
C LEU D 20 -24.19 30.01 12.09
N PRO D 21 -23.57 31.20 12.00
CA PRO D 21 -23.35 31.87 10.71
C PRO D 21 -22.42 31.09 9.79
N SER D 22 -22.43 31.42 8.50
CA SER D 22 -21.65 30.71 7.52
C SER D 22 -20.15 30.90 7.74
N ASP D 23 -19.77 32.05 8.30
CA ASP D 23 -18.37 32.36 8.52
C ASP D 23 -17.83 31.73 9.79
N PHE D 24 -18.69 31.06 10.54
CA PHE D 24 -18.28 30.38 11.76
C PHE D 24 -17.47 29.12 11.45
N PHE D 25 -17.94 28.36 10.48
CA PHE D 25 -17.34 27.06 10.14
C PHE D 25 -16.02 27.21 9.39
N PRO D 26 -15.05 26.35 9.72
CA PRO D 26 -13.78 26.27 8.97
C PRO D 26 -14.02 25.85 7.52
N SER D 27 -13.01 26.00 6.67
CA SER D 27 -13.12 25.56 5.29
C SER D 27 -13.23 24.03 5.27
N VAL D 28 -13.75 23.48 4.17
CA VAL D 28 -13.86 22.04 4.03
C VAL D 28 -12.48 21.41 4.15
N ARG D 29 -11.49 22.04 3.54
CA ARG D 29 -10.11 21.56 3.57
C ARG D 29 -9.56 21.50 4.99
N ASP D 30 -9.80 22.55 5.76
CA ASP D 30 -9.32 22.59 7.14
C ASP D 30 -10.05 21.56 8.01
N LEU D 31 -11.27 21.21 7.61
CA LEU D 31 -12.07 20.22 8.33
C LEU D 31 -11.60 18.80 8.03
N LEU D 32 -11.30 18.53 6.76
CA LEU D 32 -10.80 17.22 6.34
C LEU D 32 -9.44 16.91 6.95
N ASP D 33 -8.60 17.93 7.03
CA ASP D 33 -7.26 17.76 7.60
C ASP D 33 -7.34 17.47 9.08
N THR D 34 -8.36 18.03 9.74
CA THR D 34 -8.55 17.82 11.17
C THR D 34 -9.12 16.43 11.43
N ALA D 35 -10.06 16.02 10.57
CA ALA D 35 -10.64 14.69 10.65
C ALA D 35 -9.57 13.60 10.56
N ALA D 36 -8.68 13.76 9.59
CA ALA D 36 -7.57 12.83 9.40
C ALA D 36 -6.57 12.88 10.55
N ALA D 37 -6.15 14.09 10.91
CA ALA D 37 -5.15 14.28 11.95
C ALA D 37 -5.56 13.66 13.27
N LEU D 38 -6.84 13.75 13.60
CA LEU D 38 -7.32 13.30 14.90
C LEU D 38 -7.91 11.89 14.83
N TYR D 39 -8.37 11.47 13.65
CA TYR D 39 -9.09 10.21 13.56
C TYR D 39 -8.75 9.34 12.35
N ARG D 40 -7.54 9.45 11.79
CA ARG D 40 -7.17 8.62 10.63
C ARG D 40 -7.30 7.13 10.91
N ASP D 41 -6.75 6.70 12.04
CA ASP D 41 -6.75 5.28 12.38
C ASP D 41 -8.18 4.80 12.69
N ALA D 42 -8.98 5.67 13.28
CA ALA D 42 -10.35 5.32 13.64
C ALA D 42 -11.28 5.30 12.43
N LEU D 43 -11.14 6.29 11.55
CA LEU D 43 -11.97 6.37 10.34
C LEU D 43 -11.68 5.23 9.37
N GLU D 44 -10.45 4.71 9.41
CA GLU D 44 -10.06 3.61 8.52
C GLU D 44 -10.19 2.26 9.22
N SER D 45 -10.48 2.28 10.52
CA SER D 45 -10.61 1.07 11.32
C SER D 45 -11.76 0.18 10.85
N PRO D 46 -11.60 -1.16 11.01
CA PRO D 46 -12.66 -2.13 10.73
C PRO D 46 -13.78 -2.13 11.77
N GLU D 47 -13.58 -1.42 12.88
CA GLU D 47 -14.57 -1.37 13.95
C GLU D 47 -15.48 -0.16 13.79
N HIS D 48 -16.74 -0.30 14.23
CA HIS D 48 -17.72 0.78 14.15
C HIS D 48 -17.28 2.03 14.90
N CYS D 49 -16.72 1.82 16.09
CA CYS D 49 -16.25 2.89 16.99
C CYS D 49 -17.43 3.68 17.58
N SER D 50 -18.17 4.39 16.72
CA SER D 50 -19.32 5.17 17.16
C SER D 50 -20.18 5.60 15.96
N PRO D 51 -21.46 5.93 16.21
CA PRO D 51 -22.32 6.47 15.16
C PRO D 51 -21.72 7.71 14.51
N HIS D 52 -21.02 8.51 15.30
CA HIS D 52 -20.34 9.70 14.79
C HIS D 52 -19.25 9.32 13.79
N HIS D 53 -18.50 8.27 14.11
CA HIS D 53 -17.49 7.75 13.18
C HIS D 53 -18.10 7.30 11.86
N THR D 54 -19.19 6.54 11.94
CA THR D 54 -19.85 6.00 10.74
C THR D 54 -20.36 7.13 9.85
N ALA D 55 -20.93 8.15 10.47
CA ALA D 55 -21.52 9.26 9.73
C ALA D 55 -20.44 10.08 9.04
N LEU D 56 -19.36 10.34 9.78
CA LEU D 56 -18.24 11.10 9.26
C LEU D 56 -17.60 10.42 8.04
N ARG D 57 -17.52 9.09 8.09
CA ARG D 57 -16.98 8.31 6.97
C ARG D 57 -17.74 8.53 5.67
N GLN D 58 -19.06 8.50 5.75
CA GLN D 58 -19.90 8.68 4.58
C GLN D 58 -19.81 10.11 4.07
N ALA D 59 -19.74 11.05 5.00
CA ALA D 59 -19.66 12.47 4.67
C ALA D 59 -18.40 12.81 3.88
N ILE D 60 -17.25 12.39 4.41
CA ILE D 60 -15.97 12.59 3.75
C ILE D 60 -16.00 11.99 2.35
N LEU D 61 -16.44 10.74 2.26
CA LEU D 61 -16.52 10.03 0.99
C LEU D 61 -17.52 10.71 0.05
N CYS D 62 -18.65 11.14 0.61
CA CYS D 62 -19.66 11.85 -0.17
C CYS D 62 -19.12 13.15 -0.75
N TRP D 63 -18.38 13.91 0.06
CA TRP D 63 -17.79 15.15 -0.39
C TRP D 63 -16.82 14.93 -1.55
N GLY D 64 -16.10 13.81 -1.51
CA GLY D 64 -15.23 13.43 -2.60
C GLY D 64 -15.98 13.32 -3.91
N ASP D 65 -17.12 12.64 -3.87
CA ASP D 65 -17.97 12.46 -5.04
C ASP D 65 -18.52 13.79 -5.58
N LEU D 66 -18.94 14.65 -4.66
CA LEU D 66 -19.49 15.96 -5.01
C LEU D 66 -18.45 16.85 -5.69
N MET D 67 -17.22 16.79 -5.22
CA MET D 67 -16.14 17.57 -5.82
C MET D 67 -15.80 17.04 -7.20
N THR D 68 -15.75 15.72 -7.33
CA THR D 68 -15.48 15.08 -8.61
C THR D 68 -16.52 15.50 -9.65
N LEU D 69 -17.76 15.67 -9.20
CA LEU D 69 -18.85 16.06 -10.08
C LEU D 69 -18.75 17.53 -10.49
N ALA D 70 -18.58 18.41 -9.51
CA ALA D 70 -18.48 19.85 -9.76
C ALA D 70 -17.23 20.23 -10.57
N THR D 71 -16.16 19.45 -10.41
CA THR D 71 -14.91 19.68 -11.13
C THR D 71 -15.08 19.43 -12.61
N TRP D 72 -15.98 18.50 -12.94
CA TRP D 72 -16.22 18.08 -14.32
C TRP D 72 -16.98 19.13 -15.13
N VAL D 73 -17.72 20.00 -14.45
CA VAL D 73 -18.46 21.05 -15.13
C VAL D 73 -17.52 21.92 -15.96
N GLY D 74 -16.40 22.32 -15.37
CA GLY D 74 -15.39 23.07 -16.11
C GLY D 74 -14.81 22.26 -17.25
N THR D 75 -14.51 21.00 -16.97
CA THR D 75 -13.98 20.08 -17.96
C THR D 75 -15.06 19.67 -18.96
N VAL D 86 -21.33 29.89 -11.31
CA VAL D 86 -21.63 28.47 -11.14
C VAL D 86 -20.66 27.82 -10.17
N VAL D 87 -19.38 28.14 -10.32
CA VAL D 87 -18.36 27.63 -9.41
C VAL D 87 -18.60 28.20 -8.02
N SER D 88 -19.00 29.48 -7.99
CA SER D 88 -19.32 30.17 -6.74
C SER D 88 -20.58 29.61 -6.10
N TYR D 89 -21.43 29.00 -6.92
CA TYR D 89 -22.71 28.45 -6.48
C TYR D 89 -22.55 27.24 -5.56
N VAL D 90 -21.61 26.35 -5.90
CA VAL D 90 -21.39 25.14 -5.11
C VAL D 90 -20.98 25.54 -3.71
N ASN D 91 -20.13 26.56 -3.61
CA ASN D 91 -19.62 27.04 -2.34
C ASN D 91 -20.74 27.72 -1.54
N THR D 92 -21.80 28.13 -2.23
CA THR D 92 -22.91 28.80 -1.56
C THR D 92 -23.84 27.81 -0.87
N ASN D 93 -24.26 26.76 -1.59
CA ASN D 93 -25.24 25.82 -1.05
C ASN D 93 -24.67 24.52 -0.47
N VAL D 94 -23.91 23.79 -1.28
CA VAL D 94 -23.43 22.46 -0.87
C VAL D 94 -22.21 22.51 0.03
N GLY D 95 -21.31 23.47 -0.23
CA GLY D 95 -20.12 23.63 0.58
C GLY D 95 -20.45 23.82 2.03
N LEU D 96 -21.36 24.77 2.29
CA LEU D 96 -21.80 25.09 3.64
C LEU D 96 -22.44 23.91 4.35
N LYS D 97 -23.20 23.10 3.61
CA LYS D 97 -23.92 21.97 4.20
C LYS D 97 -22.97 20.96 4.85
N PHE D 98 -21.87 20.68 4.16
CA PHE D 98 -20.87 19.76 4.67
C PHE D 98 -19.92 20.39 5.67
N ARG D 99 -19.72 21.70 5.57
CA ARG D 99 -18.91 22.40 6.57
C ARG D 99 -19.57 22.30 7.94
N GLN D 100 -20.90 22.29 7.95
CA GLN D 100 -21.66 22.12 9.17
C GLN D 100 -21.57 20.68 9.66
N LEU D 101 -21.83 19.75 8.76
CA LEU D 101 -21.84 18.32 9.07
C LEU D 101 -20.48 17.84 9.56
N LEU D 102 -19.43 18.20 8.83
CA LEU D 102 -18.07 17.82 9.20
C LEU D 102 -17.69 18.39 10.56
N TRP D 103 -17.99 19.68 10.75
CA TRP D 103 -17.68 20.36 12.01
C TRP D 103 -18.45 19.74 13.17
N PHE D 104 -19.72 19.40 12.92
CA PHE D 104 -20.58 18.86 13.95
C PHE D 104 -20.06 17.56 14.54
N HIS D 105 -19.68 16.63 13.68
CA HIS D 105 -19.24 15.32 14.12
C HIS D 105 -17.84 15.35 14.73
N ILE D 106 -16.94 16.13 14.13
CA ILE D 106 -15.59 16.26 14.64
C ILE D 106 -15.62 16.86 16.04
N SER D 107 -16.46 17.88 16.23
CA SER D 107 -16.56 18.55 17.52
C SER D 107 -17.20 17.64 18.56
N CYS D 108 -18.16 16.83 18.13
CA CYS D 108 -18.84 15.90 19.02
C CYS D 108 -17.90 14.77 19.44
N LEU D 109 -17.06 14.32 18.51
CA LEU D 109 -16.07 13.30 18.81
C LEU D 109 -14.98 13.88 19.73
N THR D 110 -14.66 15.14 19.53
CA THR D 110 -13.56 15.78 20.26
C THR D 110 -13.99 16.34 21.62
N PHE D 111 -15.15 16.97 21.67
CA PHE D 111 -15.58 17.69 22.87
C PHE D 111 -16.78 17.06 23.58
N GLY D 112 -17.54 16.25 22.87
CA GLY D 112 -18.71 15.63 23.49
C GLY D 112 -20.02 16.24 23.04
N ARG D 113 -21.02 15.40 22.85
CA ARG D 113 -22.33 15.80 22.33
C ARG D 113 -22.92 17.00 23.08
N GLU D 114 -23.12 16.83 24.38
CA GLU D 114 -23.73 17.85 25.23
C GLU D 114 -23.03 19.21 25.16
N THR D 115 -21.70 19.19 25.13
CA THR D 115 -20.92 20.41 25.07
C THR D 115 -21.11 21.17 23.75
N VAL D 116 -21.14 20.41 22.65
CA VAL D 116 -21.28 21.00 21.32
C VAL D 116 -22.60 21.75 21.19
N LEU D 117 -23.66 21.16 21.75
CA LEU D 117 -25.00 21.73 21.61
C LEU D 117 -25.17 23.03 22.39
N GLU D 118 -24.72 23.02 23.64
CA GLU D 118 -24.73 24.21 24.48
C GLU D 118 -23.90 25.35 23.87
N TYR D 119 -22.71 25.02 23.38
CA TYR D 119 -21.87 26.02 22.74
C TYR D 119 -22.54 26.62 21.51
N LEU D 120 -23.25 25.77 20.77
CA LEU D 120 -23.88 26.18 19.53
C LEU D 120 -24.91 27.28 19.77
N VAL D 121 -25.75 27.10 20.79
CA VAL D 121 -26.78 28.08 21.09
C VAL D 121 -26.15 29.31 21.77
N SER D 122 -25.11 29.08 22.56
CA SER D 122 -24.43 30.17 23.26
C SER D 122 -23.73 31.12 22.29
N PHE D 123 -23.13 30.57 21.25
CA PHE D 123 -22.41 31.39 20.28
C PHE D 123 -23.39 32.08 19.32
N GLY D 124 -24.50 31.41 19.02
CA GLY D 124 -25.52 31.97 18.15
C GLY D 124 -26.11 33.24 18.72
N VAL D 125 -26.37 33.23 20.03
CA VAL D 125 -26.88 34.40 20.73
C VAL D 125 -25.80 35.47 20.82
N TRP D 126 -24.54 35.03 20.99
CA TRP D 126 -23.43 35.95 21.21
C TRP D 126 -23.07 36.73 19.95
N ILE D 127 -22.99 36.04 18.82
CA ILE D 127 -22.59 36.66 17.56
C ILE D 127 -23.68 37.60 17.07
N ARG D 128 -24.91 37.36 17.51
CA ARG D 128 -26.05 38.15 17.05
C ARG D 128 -26.21 39.45 17.83
N THR D 129 -25.57 39.53 18.99
CA THR D 129 -25.54 40.77 19.75
C THR D 129 -24.61 41.76 19.06
N PRO D 130 -25.11 42.97 18.78
CA PRO D 130 -24.27 44.05 18.22
C PRO D 130 -22.98 44.24 19.00
N PRO D 131 -21.88 44.60 18.31
CA PRO D 131 -20.53 44.65 18.88
C PRO D 131 -20.41 45.48 20.15
N ALA D 132 -21.17 46.57 20.23
CA ALA D 132 -21.08 47.49 21.36
C ALA D 132 -21.56 46.85 22.67
N ALA D 133 -22.46 45.88 22.55
CA ALA D 133 -23.10 45.31 23.73
C ALA D 133 -22.60 43.92 24.11
N ARG D 134 -22.09 43.17 23.14
CA ARG D 134 -21.74 41.78 23.42
C ARG D 134 -20.41 41.70 24.15
N PRO D 135 -20.31 40.76 25.11
CA PRO D 135 -19.12 40.55 25.93
C PRO D 135 -17.85 40.29 25.12
N PRO D 136 -16.68 40.67 25.66
CA PRO D 136 -15.40 40.45 24.99
C PRO D 136 -15.07 38.97 24.91
N ASN D 137 -15.48 38.23 25.94
CA ASN D 137 -15.20 36.79 26.01
C ASN D 137 -16.30 35.95 25.37
N ALA D 138 -15.98 35.38 24.22
CA ALA D 138 -16.89 34.47 23.52
C ALA D 138 -17.00 33.14 24.25
N PRO D 139 -18.15 32.45 24.12
CA PRO D 139 -18.29 31.12 24.73
C PRO D 139 -17.29 30.13 24.14
N ILE D 140 -16.89 29.12 24.92
CA ILE D 140 -15.93 28.14 24.46
C ILE D 140 -16.37 26.72 24.80
N LEU D 141 -15.67 25.73 24.25
CA LEU D 141 -15.96 24.34 24.51
C LEU D 141 -15.16 23.82 25.70
N SER E 1 12.46 2.09 -3.48
CA SER E 1 12.77 0.88 -2.76
C SER E 1 12.22 0.93 -1.32
N MET E 2 12.77 1.83 -0.52
CA MET E 2 12.33 1.99 0.86
C MET E 2 11.42 3.19 1.03
N ASP E 3 10.59 3.14 2.06
CA ASP E 3 9.77 4.29 2.45
C ASP E 3 9.97 4.56 3.94
N ILE E 4 10.86 5.49 4.27
CA ILE E 4 11.20 5.78 5.65
C ILE E 4 10.55 7.09 6.13
N ASP E 5 9.97 7.04 7.32
CA ASP E 5 9.34 8.22 7.92
C ASP E 5 10.21 8.69 9.08
N PRO E 6 10.81 9.89 8.95
CA PRO E 6 11.76 10.40 9.94
C PRO E 6 11.16 10.61 11.33
N TYR E 7 9.86 10.88 11.42
CA TYR E 7 9.23 11.15 12.72
C TYR E 7 8.65 9.89 13.36
N LYS E 8 8.65 8.80 12.60
CA LYS E 8 7.97 7.58 13.02
C LYS E 8 8.58 6.98 14.30
N GLU E 9 9.91 6.94 14.37
CA GLU E 9 10.58 6.41 15.56
C GLU E 9 10.41 7.32 16.77
N PHE E 10 9.94 8.55 16.54
CA PHE E 10 9.73 9.52 17.61
C PHE E 10 8.26 9.68 17.96
N GLY E 11 7.41 8.83 17.38
CA GLY E 11 6.00 8.79 17.72
C GLY E 11 5.10 9.74 16.97
N ALA E 12 5.56 10.24 15.84
CA ALA E 12 4.74 11.12 15.00
C ALA E 12 4.82 10.69 13.54
N THR E 13 4.27 11.51 12.66
CA THR E 13 4.25 11.21 11.22
C THR E 13 4.50 12.48 10.41
N VAL E 14 4.85 12.31 9.14
CA VAL E 14 5.07 13.44 8.25
C VAL E 14 3.80 14.29 8.11
N GLU E 15 2.65 13.64 7.94
CA GLU E 15 1.40 14.35 7.75
C GLU E 15 1.03 15.15 9.01
N LEU E 16 1.36 14.59 10.18
CA LEU E 16 1.01 15.23 11.44
C LEU E 16 1.76 16.55 11.59
N LEU E 17 3.00 16.61 11.12
CA LEU E 17 3.75 17.85 11.17
C LEU E 17 3.27 18.82 10.09
N SER E 18 2.69 18.27 9.03
CA SER E 18 2.14 19.08 7.96
C SER E 18 0.77 19.64 8.36
N PHE E 19 0.27 19.18 9.49
CA PHE E 19 -0.97 19.71 10.07
C PHE E 19 -0.79 21.19 10.41
N LEU E 20 0.37 21.52 10.97
CA LEU E 20 0.72 22.89 11.27
C LEU E 20 1.03 23.65 9.98
N PRO E 21 0.49 24.87 9.84
CA PRO E 21 0.64 25.69 8.63
C PRO E 21 2.09 26.08 8.36
N SER E 22 2.37 26.49 7.13
CA SER E 22 3.72 26.82 6.71
C SER E 22 4.29 28.03 7.43
N ASP E 23 3.42 28.95 7.81
CA ASP E 23 3.85 30.19 8.47
C ASP E 23 4.05 30.03 9.97
N PHE E 24 3.76 28.84 10.50
CA PHE E 24 3.93 28.56 11.92
C PHE E 24 5.39 28.44 12.33
N PHE E 25 6.17 27.75 11.50
CA PHE E 25 7.57 27.45 11.82
C PHE E 25 8.48 28.67 11.64
N PRO E 26 9.44 28.84 12.57
CA PRO E 26 10.48 29.86 12.45
C PRO E 26 11.35 29.66 11.21
N SER E 27 12.14 30.67 10.85
CA SER E 27 13.06 30.55 9.72
C SER E 27 14.13 29.52 10.03
N VAL E 28 14.75 28.97 8.99
CA VAL E 28 15.83 28.01 9.17
C VAL E 28 16.96 28.64 9.98
N ARG E 29 17.23 29.91 9.69
CA ARG E 29 18.29 30.65 10.37
C ARG E 29 18.01 30.76 11.87
N ASP E 30 16.77 31.10 12.22
CA ASP E 30 16.39 31.22 13.62
C ASP E 30 16.40 29.86 14.32
N LEU E 31 16.17 28.80 13.54
CA LEU E 31 16.15 27.44 14.09
C LEU E 31 17.57 26.93 14.35
N LEU E 32 18.49 27.19 13.42
CA LEU E 32 19.88 26.80 13.58
C LEU E 32 20.53 27.53 14.74
N ASP E 33 20.18 28.81 14.89
CA ASP E 33 20.73 29.62 15.97
C ASP E 33 20.21 29.17 17.33
N THR E 34 18.99 28.66 17.36
CA THR E 34 18.38 28.20 18.60
C THR E 34 18.96 26.86 19.02
N ALA E 35 19.21 25.99 18.05
CA ALA E 35 19.83 24.69 18.31
C ALA E 35 21.19 24.90 18.96
N ALA E 36 21.98 25.81 18.39
CA ALA E 36 23.29 26.16 18.93
C ALA E 36 23.17 26.82 20.29
N ALA E 37 22.26 27.80 20.40
CA ALA E 37 22.10 28.54 21.64
C ALA E 37 21.80 27.64 22.83
N LEU E 38 21.00 26.59 22.60
CA LEU E 38 20.57 25.72 23.67
C LEU E 38 21.38 24.42 23.77
N TYR E 39 21.96 23.97 22.65
CA TYR E 39 22.60 22.66 22.62
C TYR E 39 23.93 22.62 21.85
N ARG E 40 24.65 23.73 21.81
CA ARG E 40 25.90 23.79 21.05
C ARG E 40 26.87 22.72 21.53
N ASP E 41 27.05 22.67 22.85
CA ASP E 41 27.97 21.72 23.47
C ASP E 41 27.48 20.27 23.36
N ALA E 42 26.16 20.09 23.42
CA ALA E 42 25.57 18.75 23.38
C ALA E 42 25.63 18.16 21.96
N LEU E 43 25.34 18.99 20.96
CA LEU E 43 25.38 18.57 19.58
C LEU E 43 26.80 18.21 19.13
N GLU E 44 27.79 18.79 19.79
CA GLU E 44 29.19 18.55 19.45
C GLU E 44 29.80 17.47 20.35
N SER E 45 29.04 17.03 21.35
CA SER E 45 29.50 16.02 22.30
C SER E 45 29.84 14.68 21.65
N PRO E 46 30.81 13.96 22.22
CA PRO E 46 31.16 12.61 21.79
C PRO E 46 30.13 11.57 22.25
N GLU E 47 29.21 11.98 23.11
CA GLU E 47 28.19 11.10 23.64
C GLU E 47 26.91 11.20 22.81
N HIS E 48 26.17 10.09 22.75
CA HIS E 48 24.91 10.03 21.99
C HIS E 48 23.91 11.08 22.45
N CYS E 49 23.85 11.29 23.76
CA CYS E 49 22.93 12.23 24.41
C CYS E 49 21.49 11.74 24.37
N SER E 50 20.92 11.68 23.17
CA SER E 50 19.55 11.18 22.98
C SER E 50 19.29 10.91 21.50
N PRO E 51 18.28 10.07 21.22
CA PRO E 51 17.89 9.84 19.82
C PRO E 51 17.53 11.13 19.10
N HIS E 52 16.94 12.08 19.84
CA HIS E 52 16.62 13.39 19.29
C HIS E 52 17.89 14.15 18.91
N HIS E 53 18.90 14.07 19.77
CA HIS E 53 20.19 14.69 19.49
C HIS E 53 20.83 14.14 18.21
N THR E 54 20.81 12.81 18.06
CA THR E 54 21.42 12.16 16.91
C THR E 54 20.78 12.62 15.60
N ALA E 55 19.47 12.72 15.59
CA ALA E 55 18.74 13.10 14.39
C ALA E 55 18.99 14.58 14.07
N LEU E 56 18.97 15.41 15.10
CA LEU E 56 19.20 16.84 14.95
C LEU E 56 20.59 17.12 14.36
N ARG E 57 21.59 16.35 14.78
CA ARG E 57 22.95 16.47 14.24
C ARG E 57 22.97 16.26 12.72
N GLN E 58 22.30 15.22 12.26
CA GLN E 58 22.27 14.92 10.83
C GLN E 58 21.46 15.96 10.07
N ALA E 59 20.39 16.45 10.68
CA ALA E 59 19.52 17.44 10.05
C ALA E 59 20.29 18.73 9.76
N ILE E 60 20.96 19.26 10.78
CA ILE E 60 21.79 20.45 10.64
C ILE E 60 22.84 20.25 9.55
N LEU E 61 23.55 19.12 9.63
CA LEU E 61 24.59 18.80 8.65
C LEU E 61 24.02 18.65 7.25
N CYS E 62 22.87 17.99 7.15
CA CYS E 62 22.20 17.77 5.87
C CYS E 62 21.79 19.08 5.21
N TRP E 63 21.25 19.99 6.01
CA TRP E 63 20.84 21.30 5.53
C TRP E 63 22.04 22.06 4.96
N GLY E 64 23.20 21.86 5.57
CA GLY E 64 24.42 22.47 5.07
C GLY E 64 24.75 22.11 3.64
N ASP E 65 24.64 20.81 3.33
CA ASP E 65 24.89 20.24 2.00
C ASP E 65 23.92 20.77 0.95
N LEU E 66 22.65 20.85 1.32
CA LEU E 66 21.61 21.36 0.43
C LEU E 66 21.91 22.82 0.10
N MET E 67 22.33 23.57 1.10
CA MET E 67 22.72 24.96 0.89
C MET E 67 24.03 25.04 0.11
N THR E 68 24.99 24.18 0.49
CA THR E 68 26.29 24.12 -0.20
C THR E 68 26.13 23.80 -1.68
N LEU E 69 25.15 22.95 -1.99
CA LEU E 69 24.88 22.55 -3.37
C LEU E 69 24.25 23.69 -4.16
N ALA E 70 23.22 24.30 -3.58
CA ALA E 70 22.50 25.39 -4.22
C ALA E 70 23.42 26.61 -4.43
N THR E 71 24.40 26.76 -3.55
CA THR E 71 25.35 27.86 -3.65
C THR E 71 26.25 27.72 -4.89
N VAL E 90 12.30 26.46 -4.15
CA VAL E 90 13.14 25.51 -3.43
C VAL E 90 12.97 25.68 -1.93
N ASN E 91 12.95 26.94 -1.49
CA ASN E 91 12.84 27.26 -0.07
C ASN E 91 11.44 26.93 0.44
N THR E 92 10.51 26.84 -0.51
CA THR E 92 9.12 26.53 -0.22
C THR E 92 8.95 25.04 0.03
N ASN E 93 9.63 24.22 -0.77
CA ASN E 93 9.45 22.77 -0.69
C ASN E 93 10.49 22.13 0.23
N VAL E 94 11.77 22.36 -0.01
CA VAL E 94 12.81 21.72 0.79
C VAL E 94 12.98 22.48 2.11
N GLY E 95 12.87 23.81 2.02
CA GLY E 95 12.98 24.66 3.19
C GLY E 95 12.01 24.28 4.28
N LEU E 96 10.73 24.14 3.91
CA LEU E 96 9.69 23.78 4.84
C LEU E 96 9.94 22.44 5.51
N LYS E 97 10.46 21.48 4.76
CA LYS E 97 10.69 20.14 5.28
C LYS E 97 11.63 20.14 6.47
N PHE E 98 12.70 20.92 6.37
CA PHE E 98 13.69 21.00 7.44
C PHE E 98 13.27 21.97 8.55
N ARG E 99 12.44 22.95 8.19
CA ARG E 99 11.87 23.87 9.18
C ARG E 99 10.95 23.11 10.15
N GLN E 100 10.26 22.10 9.64
CA GLN E 100 9.43 21.27 10.50
C GLN E 100 10.32 20.36 11.34
N LEU E 101 11.27 19.71 10.69
CA LEU E 101 12.17 18.75 11.34
C LEU E 101 13.02 19.37 12.45
N LEU E 102 13.61 20.51 12.15
CA LEU E 102 14.43 21.22 13.13
C LEU E 102 13.59 21.64 14.33
N TRP E 103 12.40 22.18 14.07
CA TRP E 103 11.51 22.62 15.13
C TRP E 103 11.04 21.45 15.99
N PHE E 104 10.76 20.33 15.35
CA PHE E 104 10.23 19.16 16.04
C PHE E 104 11.21 18.65 17.11
N HIS E 105 12.48 18.50 16.72
CA HIS E 105 13.48 17.95 17.62
C HIS E 105 13.89 18.94 18.71
N ILE E 106 14.04 20.21 18.33
CA ILE E 106 14.39 21.25 19.29
C ILE E 106 13.31 21.38 20.36
N SER E 107 12.05 21.36 19.92
CA SER E 107 10.92 21.51 20.82
C SER E 107 10.74 20.30 21.74
N CYS E 108 11.05 19.12 21.22
CA CYS E 108 10.94 17.89 22.01
C CYS E 108 12.00 17.83 23.10
N LEU E 109 13.20 18.30 22.78
CA LEU E 109 14.29 18.36 23.76
C LEU E 109 14.00 19.40 24.82
N THR E 110 13.37 20.50 24.40
CA THR E 110 13.12 21.63 25.30
C THR E 110 11.86 21.43 26.14
N PHE E 111 10.79 20.93 25.52
CA PHE E 111 9.50 20.86 26.20
C PHE E 111 9.03 19.43 26.49
N GLY E 112 9.59 18.45 25.78
CA GLY E 112 9.19 17.07 25.98
C GLY E 112 8.33 16.52 24.86
N ARG E 113 8.59 15.28 24.48
CA ARG E 113 7.91 14.63 23.37
C ARG E 113 6.38 14.71 23.50
N GLU E 114 5.87 14.18 24.60
CA GLU E 114 4.43 14.14 24.86
C GLU E 114 3.81 15.53 24.80
N THR E 115 4.53 16.51 25.34
CA THR E 115 4.07 17.90 25.36
C THR E 115 3.95 18.47 23.94
N VAL E 116 4.92 18.15 23.09
CA VAL E 116 4.92 18.65 21.72
C VAL E 116 3.70 18.17 20.92
N LEU E 117 3.34 16.90 21.12
CA LEU E 117 2.25 16.29 20.36
C LEU E 117 0.91 16.89 20.77
N GLU E 118 0.69 17.06 22.07
CA GLU E 118 -0.52 17.69 22.56
C GLU E 118 -0.70 19.09 21.98
N TYR E 119 0.38 19.88 22.04
CA TYR E 119 0.37 21.23 21.49
C TYR E 119 0.15 21.24 19.99
N LEU E 120 0.75 20.26 19.32
CA LEU E 120 0.73 20.16 17.86
C LEU E 120 -0.69 20.03 17.33
N VAL E 121 -1.46 19.13 17.92
CA VAL E 121 -2.83 18.90 17.49
C VAL E 121 -3.71 20.04 17.98
N SER E 122 -3.40 20.58 19.15
CA SER E 122 -4.17 21.66 19.74
C SER E 122 -4.10 22.95 18.91
N PHE E 123 -2.93 23.25 18.37
CA PHE E 123 -2.77 24.48 17.59
C PHE E 123 -3.37 24.33 16.20
N GLY E 124 -3.33 23.13 15.65
CA GLY E 124 -3.91 22.85 14.36
C GLY E 124 -5.41 23.09 14.37
N VAL E 125 -6.06 22.66 15.43
CA VAL E 125 -7.49 22.86 15.62
C VAL E 125 -7.78 24.35 15.88
N TRP E 126 -6.88 25.00 16.62
CA TRP E 126 -7.09 26.38 17.02
C TRP E 126 -6.91 27.38 15.86
N ILE E 127 -5.85 27.20 15.09
CA ILE E 127 -5.54 28.14 14.00
C ILE E 127 -6.56 28.00 12.87
N ARG E 128 -7.19 26.84 12.78
CA ARG E 128 -8.14 26.58 11.70
C ARG E 128 -9.53 27.12 12.01
N THR E 129 -9.78 27.42 13.28
CA THR E 129 -11.01 28.09 13.67
C THR E 129 -10.97 29.53 13.20
N PRO E 130 -12.00 29.96 12.45
CA PRO E 130 -12.12 31.36 12.03
C PRO E 130 -11.95 32.33 13.20
N PRO E 131 -11.33 33.49 12.95
CA PRO E 131 -10.92 34.45 14.00
C PRO E 131 -12.06 34.85 14.94
N ALA E 132 -13.27 34.97 14.41
CA ALA E 132 -14.41 35.43 15.19
C ALA E 132 -14.80 34.43 16.28
N ALA E 133 -14.50 33.16 16.04
CA ALA E 133 -14.96 32.09 16.94
C ALA E 133 -13.86 31.53 17.82
N ARG E 134 -12.61 31.65 17.40
CA ARG E 134 -11.52 31.01 18.12
C ARG E 134 -11.12 31.81 19.35
N PRO E 135 -10.77 31.11 20.44
CA PRO E 135 -10.36 31.71 21.71
C PRO E 135 -9.17 32.64 21.57
N PRO E 136 -9.08 33.65 22.45
CA PRO E 136 -7.97 34.61 22.41
C PRO E 136 -6.64 33.96 22.80
N ASN E 137 -6.69 33.01 23.74
CA ASN E 137 -5.48 32.36 24.20
C ASN E 137 -5.14 31.11 23.39
N ALA E 138 -4.07 31.19 22.61
CA ALA E 138 -3.58 30.03 21.88
C ALA E 138 -2.98 29.05 22.88
N PRO E 139 -3.03 27.74 22.56
CA PRO E 139 -2.39 26.77 23.44
C PRO E 139 -0.89 27.00 23.56
N ILE E 140 -0.30 26.62 24.69
CA ILE E 140 1.14 26.81 24.89
C ILE E 140 1.78 25.54 25.46
N LEU E 141 3.11 25.54 25.49
CA LEU E 141 3.83 24.39 26.02
C LEU E 141 4.12 24.60 27.50
N SER E 142 3.63 23.66 28.31
CA SER E 142 3.76 23.76 29.76
C SER E 142 4.23 22.44 30.36
N SER F 1 29.65 29.90 14.37
CA SER F 1 28.80 28.78 13.95
C SER F 1 29.19 27.50 14.68
N MET F 2 28.51 26.42 14.34
CA MET F 2 28.82 25.13 14.96
C MET F 2 29.66 24.30 14.01
N ASP F 3 30.42 23.37 14.57
CA ASP F 3 31.13 22.39 13.78
C ASP F 3 30.81 21.00 14.33
N ILE F 4 29.88 20.32 13.68
CA ILE F 4 29.42 19.03 14.18
C ILE F 4 30.05 17.91 13.38
N ASP F 5 30.52 16.89 14.09
CA ASP F 5 31.13 15.73 13.46
C ASP F 5 30.17 14.55 13.57
N PRO F 6 29.66 14.07 12.41
CA PRO F 6 28.65 13.01 12.37
C PRO F 6 29.14 11.70 12.98
N TYR F 7 30.44 11.46 12.93
CA TYR F 7 31.02 10.22 13.43
C TYR F 7 31.46 10.33 14.89
N LYS F 8 31.41 11.53 15.44
CA LYS F 8 31.95 11.79 16.78
C LYS F 8 31.24 11.00 17.88
N GLU F 9 29.91 10.98 17.84
CA GLU F 9 29.14 10.25 18.84
C GLU F 9 29.30 8.73 18.68
N PHE F 10 29.85 8.29 17.56
CA PHE F 10 30.01 6.87 17.30
C PHE F 10 31.46 6.42 17.49
N GLY F 11 32.30 7.32 18.00
CA GLY F 11 33.67 6.98 18.33
C GLY F 11 34.66 7.08 17.20
N ALA F 12 34.29 7.80 16.14
CA ALA F 12 35.21 8.02 15.03
C ALA F 12 35.21 9.49 14.63
N THR F 13 35.88 9.81 13.52
CA THR F 13 35.98 11.19 13.05
C THR F 13 35.90 11.24 11.53
N VAL F 14 35.63 12.43 11.01
CA VAL F 14 35.58 12.65 9.56
C VAL F 14 36.91 12.31 8.92
N GLU F 15 38.00 12.75 9.55
CA GLU F 15 39.34 12.53 9.01
C GLU F 15 39.67 11.04 8.98
N LEU F 16 39.19 10.30 9.97
CA LEU F 16 39.48 8.87 10.07
C LEU F 16 38.87 8.09 8.90
N LEU F 17 37.69 8.49 8.46
CA LEU F 17 37.06 7.82 7.32
C LEU F 17 37.71 8.24 6.01
N SER F 18 38.35 9.40 6.01
CA SER F 18 39.04 9.89 4.82
C SER F 18 40.38 9.16 4.64
N PHE F 19 40.74 8.37 5.64
CA PHE F 19 41.93 7.52 5.58
C PHE F 19 41.78 6.51 4.44
N LEU F 20 40.59 5.94 4.33
CA LEU F 20 40.27 5.01 3.26
C LEU F 20 40.12 5.75 1.94
N PRO F 21 40.71 5.21 0.87
CA PRO F 21 40.70 5.84 -0.46
C PRO F 21 39.29 6.00 -1.02
N SER F 22 39.14 6.87 -2.01
CA SER F 22 37.83 7.18 -2.59
C SER F 22 37.24 5.96 -3.29
N ASP F 23 38.11 5.12 -3.85
CA ASP F 23 37.66 3.95 -4.60
C ASP F 23 37.38 2.74 -3.70
N PHE F 24 37.59 2.88 -2.40
CA PHE F 24 37.31 1.78 -1.47
C PHE F 24 35.82 1.56 -1.27
N PHE F 25 35.06 2.65 -1.13
CA PHE F 25 33.64 2.57 -0.83
C PHE F 25 32.82 2.15 -2.04
N PRO F 26 31.81 1.30 -1.82
CA PRO F 26 30.86 0.92 -2.86
C PRO F 26 30.08 2.12 -3.39
N SER F 27 29.40 1.95 -4.51
CA SER F 27 28.57 3.00 -5.09
C SER F 27 27.40 3.35 -4.16
N VAL F 28 26.86 4.55 -4.32
CA VAL F 28 25.71 4.99 -3.52
C VAL F 28 24.53 4.03 -3.69
N ARG F 29 24.29 3.62 -4.93
CA ARG F 29 23.17 2.73 -5.25
C ARG F 29 23.31 1.37 -4.56
N ASP F 30 24.49 0.78 -4.62
CA ASP F 30 24.73 -0.52 -3.99
C ASP F 30 24.63 -0.45 -2.47
N LEU F 31 24.89 0.74 -1.92
CA LEU F 31 24.82 0.94 -0.48
C LEU F 31 23.36 1.07 -0.04
N LEU F 32 22.57 1.80 -0.81
CA LEU F 32 21.14 1.94 -0.55
C LEU F 32 20.43 0.61 -0.72
N ASP F 33 20.87 -0.18 -1.71
CA ASP F 33 20.28 -1.50 -1.95
C ASP F 33 20.57 -2.47 -0.81
N THR F 34 21.73 -2.29 -0.19
CA THR F 34 22.15 -3.16 0.92
C THR F 34 21.42 -2.81 2.21
N ALA F 35 21.21 -1.52 2.44
CA ALA F 35 20.47 -1.05 3.61
C ALA F 35 19.07 -1.65 3.62
N ALA F 36 18.41 -1.62 2.47
CA ALA F 36 17.08 -2.19 2.32
C ALA F 36 17.12 -3.71 2.51
N ALA F 37 18.04 -4.37 1.83
CA ALA F 37 18.15 -5.82 1.88
C ALA F 37 18.31 -6.35 3.31
N LEU F 38 19.09 -5.65 4.11
CA LEU F 38 19.42 -6.11 5.46
C LEU F 38 18.58 -5.48 6.58
N TYR F 39 18.07 -4.27 6.37
CA TYR F 39 17.40 -3.55 7.47
C TYR F 39 16.13 -2.82 7.05
N ARG F 40 15.45 -3.31 6.02
CA ARG F 40 14.24 -2.66 5.52
C ARG F 40 13.22 -2.54 6.64
N ASP F 41 13.01 -3.67 7.34
CA ASP F 41 12.04 -3.74 8.42
C ASP F 41 12.50 -2.91 9.62
N ALA F 42 13.82 -2.87 9.84
CA ALA F 42 14.38 -2.15 10.98
C ALA F 42 14.39 -0.64 10.74
N LEU F 43 14.79 -0.23 9.54
CA LEU F 43 14.82 1.19 9.19
C LEU F 43 13.42 1.81 9.13
N GLU F 44 12.42 1.01 8.82
CA GLU F 44 11.05 1.50 8.73
C GLU F 44 10.28 1.27 10.03
N SER F 45 10.91 0.55 10.95
CA SER F 45 10.30 0.23 12.24
C SER F 45 10.00 1.51 13.03
N PRO F 46 8.94 1.48 13.86
CA PRO F 46 8.61 2.60 14.75
C PRO F 46 9.56 2.70 15.94
N GLU F 47 10.44 1.71 16.11
CA GLU F 47 11.38 1.70 17.21
C GLU F 47 12.73 2.29 16.82
N HIS F 48 13.39 2.93 17.79
CA HIS F 48 14.71 3.52 17.58
C HIS F 48 15.72 2.47 17.15
N CYS F 49 15.63 1.30 17.79
CA CYS F 49 16.53 0.17 17.57
C CYS F 49 17.93 0.49 18.10
N SER F 50 18.59 1.47 17.50
CA SER F 50 19.93 1.87 17.91
C SER F 50 20.29 3.22 17.32
N PRO F 51 21.26 3.92 17.92
CA PRO F 51 21.75 5.19 17.38
C PRO F 51 22.21 5.09 15.93
N HIS F 52 22.79 3.95 15.57
CA HIS F 52 23.21 3.71 14.19
C HIS F 52 22.00 3.70 13.26
N HIS F 53 20.92 3.04 13.72
CA HIS F 53 19.66 3.02 12.98
C HIS F 53 19.11 4.44 12.79
N THR F 54 19.14 5.21 13.86
CA THR F 54 18.62 6.58 13.84
C THR F 54 19.37 7.45 12.83
N ALA F 55 20.70 7.31 12.82
CA ALA F 55 21.54 8.11 11.95
C ALA F 55 21.39 7.70 10.48
N LEU F 56 21.32 6.39 10.25
CA LEU F 56 21.18 5.83 8.90
C LEU F 56 19.91 6.29 8.20
N ARG F 57 18.81 6.38 8.95
CA ARG F 57 17.54 6.86 8.42
C ARG F 57 17.65 8.25 7.81
N GLN F 58 18.34 9.14 8.54
CA GLN F 58 18.51 10.51 8.08
C GLN F 58 19.41 10.60 6.84
N ALA F 59 20.43 9.75 6.80
CA ALA F 59 21.38 9.75 5.69
C ALA F 59 20.70 9.40 4.37
N ILE F 60 19.95 8.29 4.38
CA ILE F 60 19.18 7.87 3.21
C ILE F 60 18.22 8.96 2.76
N LEU F 61 17.47 9.50 3.71
CA LEU F 61 16.50 10.55 3.42
C LEU F 61 17.17 11.82 2.94
N CYS F 62 18.28 12.19 3.58
CA CYS F 62 19.03 13.37 3.18
C CYS F 62 19.53 13.24 1.75
N TRP F 63 20.04 12.05 1.44
CA TRP F 63 20.49 11.77 0.08
C TRP F 63 19.33 11.90 -0.90
N GLY F 64 18.15 11.45 -0.46
CA GLY F 64 16.94 11.61 -1.23
C GLY F 64 16.63 13.06 -1.54
N ASP F 65 16.71 13.89 -0.50
CA ASP F 65 16.47 15.33 -0.63
C ASP F 65 17.49 15.97 -1.57
N LEU F 66 18.74 15.51 -1.47
CA LEU F 66 19.80 16.00 -2.34
C LEU F 66 19.52 15.61 -3.79
N MET F 67 19.03 14.39 -3.98
CA MET F 67 18.67 13.90 -5.31
C MET F 67 17.41 14.58 -5.85
N THR F 68 16.42 14.75 -4.98
CA THR F 68 15.16 15.40 -5.35
C THR F 68 15.39 16.82 -5.88
N LEU F 69 16.38 17.50 -5.33
CA LEU F 69 16.67 18.88 -5.73
C LEU F 69 17.27 18.95 -7.14
N ALA F 70 18.31 18.16 -7.38
CA ALA F 70 18.98 18.14 -8.68
C ALA F 70 18.05 17.61 -9.77
N THR F 71 17.17 16.68 -9.39
CA THR F 71 16.22 16.10 -10.33
C THR F 71 15.20 17.16 -10.74
N TRP F 72 14.87 18.04 -9.80
CA TRP F 72 13.89 19.10 -10.03
C TRP F 72 14.52 20.22 -10.84
N VAL F 73 15.83 20.41 -10.63
CA VAL F 73 16.62 21.39 -11.36
C VAL F 73 16.63 21.07 -12.85
N GLY F 74 16.76 19.79 -13.17
CA GLY F 74 16.78 19.32 -14.55
C GLY F 74 15.53 19.69 -15.33
N THR F 75 14.37 19.60 -14.69
CA THR F 75 13.11 19.97 -15.34
C THR F 75 13.05 21.48 -15.55
N SER F 88 25.57 15.22 -12.50
CA SER F 88 26.97 14.79 -12.58
C SER F 88 27.87 15.68 -11.72
N TYR F 89 27.43 16.93 -11.52
CA TYR F 89 28.19 17.90 -10.72
C TYR F 89 28.17 17.52 -9.23
N VAL F 90 27.00 17.12 -8.75
CA VAL F 90 26.75 16.80 -7.35
C VAL F 90 27.54 15.61 -6.79
N ASN F 91 27.68 14.54 -7.57
CA ASN F 91 28.27 13.29 -7.09
C ASN F 91 29.76 13.34 -6.74
N THR F 92 30.47 14.36 -7.20
CA THR F 92 31.91 14.43 -6.96
C THR F 92 32.22 14.84 -5.52
N ASN F 93 31.52 15.84 -5.02
CA ASN F 93 31.81 16.39 -3.70
C ASN F 93 30.97 15.73 -2.61
N VAL F 94 29.64 15.74 -2.80
CA VAL F 94 28.72 15.21 -1.79
C VAL F 94 28.61 13.68 -1.84
N GLY F 95 28.77 13.11 -3.04
CA GLY F 95 28.66 11.67 -3.22
C GLY F 95 29.57 10.82 -2.33
N LEU F 96 30.87 11.13 -2.32
CA LEU F 96 31.85 10.41 -1.50
C LEU F 96 31.49 10.52 -0.02
N LYS F 97 31.00 11.71 0.35
CA LYS F 97 30.63 12.05 1.71
C LYS F 97 29.57 11.10 2.25
N PHE F 98 28.56 10.79 1.43
CA PHE F 98 27.51 9.85 1.84
C PHE F 98 27.91 8.39 1.64
N ARG F 99 28.80 8.14 0.69
CA ARG F 99 29.33 6.79 0.49
C ARG F 99 30.10 6.35 1.73
N GLN F 100 30.75 7.30 2.39
CA GLN F 100 31.45 7.01 3.64
C GLN F 100 30.45 6.80 4.77
N LEU F 101 29.51 7.74 4.88
CA LEU F 101 28.50 7.72 5.94
C LEU F 101 27.62 6.47 5.88
N LEU F 102 27.12 6.17 4.68
CA LEU F 102 26.27 4.98 4.49
C LEU F 102 27.04 3.70 4.81
N TRP F 103 28.26 3.60 4.30
CA TRP F 103 29.09 2.42 4.53
C TRP F 103 29.42 2.24 6.00
N PHE F 104 29.70 3.34 6.68
CA PHE F 104 30.10 3.31 8.08
C PHE F 104 29.02 2.70 8.98
N HIS F 105 27.78 3.17 8.82
CA HIS F 105 26.69 2.72 9.67
C HIS F 105 26.24 1.31 9.34
N ILE F 106 26.18 1.00 8.05
CA ILE F 106 25.78 -0.34 7.61
C ILE F 106 26.77 -1.38 8.12
N SER F 107 28.06 -1.06 8.03
CA SER F 107 29.11 -1.98 8.46
C SER F 107 29.14 -2.14 9.98
N CYS F 108 28.83 -1.06 10.69
CA CYS F 108 28.81 -1.10 12.15
C CYS F 108 27.66 -1.95 12.65
N LEU F 109 26.51 -1.86 11.98
CA LEU F 109 25.36 -2.67 12.33
C LEU F 109 25.61 -4.15 12.02
N THR F 110 26.33 -4.39 10.93
CA THR F 110 26.54 -5.74 10.44
C THR F 110 27.72 -6.45 11.14
N PHE F 111 28.81 -5.72 11.33
CA PHE F 111 30.05 -6.31 11.83
C PHE F 111 30.43 -5.85 13.23
N GLY F 112 29.88 -4.72 13.66
CA GLY F 112 30.18 -4.20 14.99
C GLY F 112 31.12 -3.01 14.98
N ARG F 113 30.83 -2.02 15.83
CA ARG F 113 31.59 -0.78 15.89
C ARG F 113 33.09 -1.02 16.04
N GLU F 114 33.48 -1.73 17.10
CA GLU F 114 34.89 -1.98 17.39
C GLU F 114 35.63 -2.63 16.22
N THR F 115 34.96 -3.58 15.55
CA THR F 115 35.55 -4.25 14.40
C THR F 115 35.78 -3.32 13.22
N VAL F 116 34.81 -2.44 12.96
CA VAL F 116 34.88 -1.52 11.82
C VAL F 116 36.07 -0.57 11.94
N LEU F 117 36.32 -0.05 13.14
CA LEU F 117 37.37 0.94 13.32
C LEU F 117 38.74 0.30 13.15
N GLU F 118 38.89 -0.86 13.78
CA GLU F 118 40.10 -1.66 13.67
C GLU F 118 40.37 -2.08 12.23
N TYR F 119 39.33 -2.51 11.51
CA TYR F 119 39.47 -2.83 10.09
C TYR F 119 39.88 -1.60 9.29
N LEU F 120 39.31 -0.46 9.68
CA LEU F 120 39.51 0.80 8.96
C LEU F 120 40.99 1.22 8.95
N VAL F 121 41.65 1.11 10.11
CA VAL F 121 43.05 1.49 10.20
C VAL F 121 43.94 0.44 9.55
N SER F 122 43.55 -0.82 9.66
CA SER F 122 44.34 -1.92 9.09
C SER F 122 44.42 -1.84 7.56
N PHE F 123 43.31 -1.49 6.92
CA PHE F 123 43.28 -1.42 5.46
C PHE F 123 43.97 -0.17 4.93
N GLY F 124 43.87 0.92 5.68
CA GLY F 124 44.53 2.16 5.31
C GLY F 124 46.04 1.99 5.23
N VAL F 125 46.59 1.27 6.20
CA VAL F 125 48.02 0.97 6.22
C VAL F 125 48.37 0.00 5.10
N TRP F 126 47.46 -0.95 4.83
CA TRP F 126 47.72 -2.01 3.87
C TRP F 126 47.72 -1.48 2.44
N ILE F 127 46.72 -0.67 2.11
CA ILE F 127 46.57 -0.17 0.75
C ILE F 127 47.69 0.83 0.42
N ARG F 128 48.26 1.43 1.45
CA ARG F 128 49.29 2.44 1.28
C ARG F 128 50.67 1.80 1.11
N THR F 129 50.78 0.53 1.51
CA THR F 129 52.00 -0.22 1.26
C THR F 129 52.09 -0.56 -0.21
N PRO F 130 53.22 -0.22 -0.85
CA PRO F 130 53.46 -0.58 -2.26
C PRO F 130 53.23 -2.06 -2.53
N PRO F 131 52.74 -2.40 -3.73
CA PRO F 131 52.31 -3.76 -4.09
C PRO F 131 53.37 -4.83 -3.84
N ALA F 132 54.64 -4.48 -4.06
CA ALA F 132 55.73 -5.44 -3.95
C ALA F 132 55.94 -5.91 -2.51
N ALA F 133 55.58 -5.09 -1.54
CA ALA F 133 55.88 -5.38 -0.15
C ALA F 133 54.67 -5.83 0.66
N ARG F 134 53.48 -5.42 0.25
CA ARG F 134 52.28 -5.69 1.04
C ARG F 134 51.80 -7.12 0.85
N PRO F 135 51.29 -7.73 1.94
CA PRO F 135 50.77 -9.11 1.93
C PRO F 135 49.68 -9.30 0.88
N PRO F 136 49.55 -10.53 0.36
CA PRO F 136 48.54 -10.78 -0.68
C PRO F 136 47.11 -10.69 -0.17
N ASN F 137 46.87 -11.15 1.06
CA ASN F 137 45.54 -11.12 1.66
C ASN F 137 45.30 -9.84 2.48
N ALA F 138 44.38 -9.01 1.99
CA ALA F 138 44.00 -7.80 2.72
C ALA F 138 43.25 -8.17 3.99
N PRO F 139 43.31 -7.29 5.01
CA PRO F 139 42.59 -7.54 6.26
C PRO F 139 41.08 -7.64 6.03
N ILE F 140 40.38 -8.36 6.92
CA ILE F 140 38.96 -8.57 6.78
C ILE F 140 38.24 -8.26 8.08
N LEU F 141 36.91 -8.25 8.03
CA LEU F 141 36.11 -7.96 9.21
C LEU F 141 35.79 -9.22 10.00
C10 VXJ G . 21.75 -23.75 -8.67
C11 VXJ G . 22.98 -23.31 -8.17
C17 VXJ G . 27.67 -22.89 -6.70
C16 VXJ G . 28.06 -23.22 -5.27
C15 VXJ G . 28.04 -22.26 -4.32
C14 VXJ G . 27.63 -20.80 -4.62
C13 VXJ G . 27.23 -20.55 -6.10
C18 VXJ G . 28.48 -24.43 -4.64
C19 VXJ G . 28.66 -25.81 -5.28
C20 VXJ G . 28.45 -26.94 -4.50
C21 VXJ G . 28.62 -28.21 -5.05
C22 VXJ G . 29.01 -28.35 -6.36
O01 VXJ G . 24.73 -20.94 -7.44
C02 VXJ G . 25.55 -21.79 -7.57
N03 VXJ G . 25.38 -22.86 -8.53
C04 VXJ G . 24.09 -23.30 -9.01
C05 VXJ G . 23.97 -23.75 -10.32
C06 VXJ G . 22.74 -24.18 -10.80
CL07 VXJ G . 22.63 -24.75 -12.49
C08 VXJ G . 21.63 -24.18 -9.98
F09 VXJ G . 20.43 -24.61 -10.44
N12 VXJ G . 26.76 -21.76 -6.76
C23 VXJ G . 29.23 -27.22 -7.14
C24 VXJ G . 29.06 -25.96 -6.60
N25 VXJ G . 28.69 -24.16 -3.36
N26 VXJ G . 28.42 -22.83 -3.17
C1 IPA H . 6.55 -25.96 5.72
C2 IPA H . 8.02 -26.23 5.43
C3 IPA H . 8.16 -26.88 4.06
O2 IPA H . 8.75 -25.02 5.47
C10 VXJ I . -14.84 -22.28 -10.41
C11 VXJ I . -16.08 -22.84 -10.65
C17 VXJ I . -20.83 -24.00 -10.67
C16 VXJ I . -21.50 -24.97 -9.71
C15 VXJ I . -21.59 -26.28 -10.02
C14 VXJ I . -21.04 -26.87 -11.34
C13 VXJ I . -20.38 -25.81 -12.26
C18 VXJ I . -22.11 -24.79 -8.44
C19 VXJ I . -22.25 -23.49 -7.64
C20 VXJ I . -21.94 -23.48 -6.30
C21 VXJ I . -22.07 -22.30 -5.56
C22 VXJ I . -22.52 -21.15 -6.17
O01 VXJ I . -17.77 -24.63 -12.47
C02 VXJ I . -18.61 -24.02 -11.88
N03 VXJ I . -18.39 -22.63 -11.52
C04 VXJ I . -17.07 -22.08 -11.25
C05 VXJ I . -16.82 -20.76 -11.60
C06 VXJ I . -15.58 -20.20 -11.36
CL07 VXJ I . -15.27 -18.50 -11.81
C08 VXJ I . -14.58 -20.96 -10.76
F09 VXJ I . -13.35 -20.42 -10.52
N12 VXJ I . -19.87 -24.65 -11.53
C23 VXJ I . -22.84 -21.17 -7.52
C24 VXJ I . -22.70 -22.33 -8.26
N25 VXJ I . -22.54 -25.98 -8.04
N26 VXJ I . -22.23 -26.88 -9.01
C1 IPA J . -3.33 -34.61 -0.39
C2 IPA J . -2.93 -33.44 0.49
C3 IPA J . -1.51 -33.65 1.01
O2 IPA J . -2.98 -32.24 -0.26
C10 VXJ K . -32.38 -5.18 -1.99
C11 VXJ K . -32.50 -6.44 -2.56
C17 VXJ K . -34.03 -10.80 -4.28
C16 VXJ K . -34.01 -12.10 -3.49
C15 VXJ K . -32.92 -12.91 -3.49
C14 VXJ K . -31.64 -12.56 -4.28
C13 VXJ K . -31.77 -11.27 -5.14
C18 VXJ K . -35.00 -12.74 -2.66
C19 VXJ K . -36.40 -12.24 -2.34
C20 VXJ K . -36.91 -12.47 -1.06
C21 VXJ K . -38.19 -12.04 -0.74
C22 VXJ K . -38.95 -11.37 -1.68
O01 VXJ K . -31.20 -8.59 -4.24
C02 VXJ K . -32.34 -8.90 -4.35
N03 VXJ K . -33.41 -7.91 -4.32
C04 VXJ K . -33.26 -6.61 -3.70
C05 VXJ K . -33.93 -5.53 -4.25
C06 VXJ K . -33.82 -4.27 -3.68
CL07 VXJ K . -34.69 -2.89 -4.42
C08 VXJ K . -33.05 -4.09 -2.55
F09 VXJ K . -32.93 -2.86 -1.98
N12 VXJ K . -32.70 -10.30 -4.55
C23 VXJ K . -38.44 -11.15 -2.96
C24 VXJ K . -37.17 -11.59 -3.28
N25 VXJ K . -34.45 -13.88 -2.21
N26 VXJ K . -33.20 -13.97 -2.72
C10 VXJ L . -14.04 21.41 14.74
C11 VXJ L . -13.97 22.46 15.64
C17 VXJ L . -12.51 26.31 18.67
C16 VXJ L . -12.67 26.28 20.18
C15 VXJ L . -13.79 26.76 20.75
C14 VXJ L . -14.95 27.38 19.92
C13 VXJ L . -14.74 27.28 18.38
C18 VXJ L . -11.83 25.79 21.23
C19 VXJ L . -10.44 25.14 21.13
C20 VXJ L . -10.08 24.21 22.09
C21 VXJ L . -8.83 23.60 22.02
C22 VXJ L . -7.96 23.91 20.99
O01 VXJ L . -15.13 25.17 16.49
C02 VXJ L . -14.04 25.31 16.92
N03 VXJ L . -12.91 24.56 16.40
C04 VXJ L . -13.02 23.44 15.47
C05 VXJ L . -12.13 23.38 14.42
C06 VXJ L . -12.20 22.33 13.52
CL07 VXJ L . -11.04 22.28 12.16
C08 VXJ L . -13.16 21.34 13.69
F09 VXJ L . -13.23 20.31 12.80
N12 VXJ L . -13.78 26.25 18.00
C23 VXJ L . -8.33 24.83 20.03
C24 VXJ L . -9.57 25.45 20.10
N25 VXJ L . -12.47 26.02 22.38
N26 VXJ L . -13.66 26.61 22.08
C1 IPA M . -24.93 -4.05 13.64
C2 IPA M . -23.74 -4.49 14.50
C3 IPA M . -23.73 -6.00 14.61
O2 IPA M . -22.54 -4.05 13.89
C10 VXJ N . 11.23 25.78 18.86
C11 VXJ N . 10.09 26.43 19.30
C17 VXJ N . 6.78 29.16 21.55
C16 VXJ N . 6.03 28.84 22.83
C15 VXJ N . 4.85 28.21 22.80
C14 VXJ N . 4.17 27.80 21.46
C13 VXJ N . 5.01 28.13 20.20
C18 VXJ N . 6.35 29.06 24.20
C19 VXJ N . 7.60 29.74 24.78
C20 VXJ N . 8.15 29.25 25.96
C21 VXJ N . 9.27 29.85 26.50
C22 VXJ N . 9.85 30.94 25.87
O01 VXJ N . 7.14 27.10 18.63
C02 VXJ N . 7.43 27.88 19.48
N03 VXJ N . 8.75 28.49 19.53
C04 VXJ N . 9.94 27.78 19.07
C05 VXJ N . 10.92 28.49 18.40
C06 VXJ N . 12.07 27.85 17.96
CL07 VXJ N . 13.32 28.78 17.09
C08 VXJ N . 12.22 26.48 18.18
F09 VXJ N . 13.35 25.85 17.75
N12 VXJ N . 6.44 28.26 20.47
C23 VXJ N . 9.30 31.42 24.69
C24 VXJ N . 8.18 30.82 24.15
N25 VXJ N . 5.35 28.57 24.92
N26 VXJ N . 4.43 28.05 24.06
C1 IPA O . 14.06 5.72 23.78
C2 IPA O . 13.30 6.99 24.14
C3 IPA O . 14.00 8.20 23.55
O2 IPA O . 11.98 6.92 23.64
C1 IPA P . 26.02 2.53 21.43
C2 IPA P . 25.76 2.73 22.93
C3 IPA P . 26.21 1.48 23.69
O2 IPA P . 26.51 3.85 23.39
C10 VXJ Q . 29.41 -2.51 3.81
C11 VXJ Q . 30.54 -3.31 3.60
C17 VXJ Q . 33.88 -6.88 2.39
C16 VXJ Q . 34.25 -7.73 3.59
C15 VXJ Q . 35.29 -7.38 4.38
C14 VXJ Q . 36.16 -6.12 4.11
C13 VXJ Q . 35.67 -5.28 2.90
C18 VXJ Q . 33.69 -8.93 4.14
C19 VXJ Q . 32.50 -9.76 3.64
C20 VXJ Q . 32.19 -10.94 4.29
C21 VXJ Q . 31.13 -11.72 3.86
C22 VXJ Q . 30.36 -11.31 2.79
O01 VXJ Q . 33.54 -3.40 3.18
C02 VXJ Q . 33.27 -4.43 2.67
N03 VXJ Q . 31.96 -4.67 2.09
C04 VXJ Q . 30.79 -3.84 2.34
C05 VXJ Q . 29.91 -3.58 1.30
C06 VXJ Q . 28.79 -2.79 1.51
CL07 VXJ Q . 27.67 -2.47 0.15
C08 VXJ Q . 28.55 -2.26 2.77
F09 VXJ Q . 27.44 -1.49 2.98
N12 VXJ Q . 34.26 -5.50 2.60
C23 VXJ Q . 30.66 -10.13 2.14
C24 VXJ Q . 31.72 -9.35 2.56
N25 VXJ Q . 34.42 -9.25 5.22
N26 VXJ Q . 35.39 -8.30 5.36
#